data_8YAP
#
_entry.id   8YAP
#
_entity_poly.entity_id   1
_entity_poly.type   'polypeptide(L)'
_entity_poly.pdbx_seq_one_letter_code
;GKPLSCEEKEKLKEKLAFLKREYSKTLARLQRAQRAW
;
_entity_poly.pdbx_strand_id   A,B
#
# COMPACT_ATOMS: atom_id res chain seq x y z
N GLY A 1 22.60 -1.25 -13.45
CA GLY A 1 21.18 -0.87 -13.67
C GLY A 1 20.97 -0.52 -15.14
N LYS A 2 20.91 -1.56 -15.98
CA LYS A 2 20.71 -1.35 -17.41
C LYS A 2 19.59 -0.35 -17.66
N PRO A 3 18.43 -0.61 -17.13
CA PRO A 3 17.25 0.28 -17.29
C PRO A 3 17.36 1.56 -16.47
N LEU A 4 16.23 2.16 -16.14
CA LEU A 4 16.22 3.38 -15.35
C LEU A 4 17.42 3.41 -14.40
N SER A 5 17.97 4.61 -14.19
CA SER A 5 19.12 4.76 -13.32
C SER A 5 18.96 3.90 -12.06
N CYS A 6 20.06 3.29 -11.63
CA CYS A 6 20.03 2.44 -10.45
C CYS A 6 19.34 3.16 -9.29
N GLU A 7 19.66 4.43 -9.11
CA GLU A 7 19.05 5.22 -8.04
C GLU A 7 17.53 5.20 -8.15
N GLU A 8 17.04 5.10 -9.38
CA GLU A 8 15.59 5.08 -9.60
C GLU A 8 15.07 3.65 -9.50
N LYS A 9 15.71 2.72 -10.18
CA LYS A 9 15.30 1.33 -10.16
C LYS A 9 15.21 0.82 -8.73
N GLU A 10 16.24 1.11 -7.94
CA GLU A 10 16.26 0.68 -6.54
C GLU A 10 15.20 1.43 -5.73
N LYS A 11 15.06 2.72 -6.01
CA LYS A 11 14.08 3.54 -5.31
C LYS A 11 12.66 2.98 -5.52
N LEU A 12 12.36 2.62 -6.76
CA LEU A 12 11.04 2.08 -7.08
C LEU A 12 10.88 0.68 -6.49
N LYS A 13 11.91 -0.15 -6.65
CA LYS A 13 11.87 -1.51 -6.12
C LYS A 13 11.70 -1.49 -4.61
N GLU A 14 12.67 -0.91 -3.92
CA GLU A 14 12.62 -0.84 -2.46
C GLU A 14 11.34 -0.18 -2.00
N LYS A 15 10.91 0.85 -2.72
CA LYS A 15 9.69 1.56 -2.38
C LYS A 15 8.50 0.60 -2.36
N LEU A 16 8.23 -0.01 -3.51
CA LEU A 16 7.12 -0.95 -3.61
C LEU A 16 7.14 -1.94 -2.45
N ALA A 17 8.34 -2.37 -2.07
CA ALA A 17 8.49 -3.31 -0.97
C ALA A 17 7.95 -2.72 0.32
N PHE A 18 8.60 -1.66 0.80
CA PHE A 18 8.18 -1.00 2.03
C PHE A 18 6.67 -0.82 2.05
N LEU A 19 6.08 -0.75 0.85
CA LEU A 19 4.62 -0.58 0.74
C LEU A 19 3.90 -1.80 1.29
N LYS A 20 4.34 -2.98 0.88
CA LYS A 20 3.71 -4.22 1.33
C LYS A 20 3.81 -4.34 2.84
N ARG A 21 4.81 -3.69 3.43
CA ARG A 21 5.00 -3.73 4.87
C ARG A 21 3.95 -2.87 5.57
N GLU A 22 3.64 -1.72 4.99
CA GLU A 22 2.66 -0.82 5.56
C GLU A 22 1.25 -1.41 5.44
N TYR A 23 0.99 -2.08 4.32
CA TYR A 23 -0.31 -2.68 4.09
C TYR A 23 -0.65 -3.65 5.21
N SER A 24 0.29 -4.53 5.54
CA SER A 24 0.07 -5.51 6.60
C SER A 24 -0.25 -4.81 7.92
N LYS A 25 0.48 -3.75 8.22
CA LYS A 25 0.26 -2.99 9.44
C LYS A 25 -1.21 -2.63 9.59
N THR A 26 -1.79 -2.08 8.52
CA THR A 26 -3.19 -1.70 8.54
C THR A 26 -4.07 -2.86 8.98
N LEU A 27 -3.76 -4.05 8.46
CA LEU A 27 -4.52 -5.24 8.82
C LEU A 27 -4.30 -5.60 10.27
N ALA A 28 -3.05 -5.51 10.72
CA ALA A 28 -2.71 -5.82 12.10
C ALA A 28 -3.78 -5.30 13.05
N ARG A 29 -4.02 -3.99 13.00
CA ARG A 29 -5.02 -3.37 13.86
C ARG A 29 -6.38 -4.02 13.63
N LEU A 30 -6.81 -4.07 12.38
CA LEU A 30 -8.09 -4.67 12.04
C LEU A 30 -8.19 -6.09 12.59
N GLN A 31 -7.06 -6.78 12.63
CA GLN A 31 -7.02 -8.14 13.14
C GLN A 31 -7.43 -8.17 14.61
N ARG A 32 -6.62 -7.52 15.45
CA ARG A 32 -6.90 -7.47 16.88
C ARG A 32 -8.28 -6.88 17.14
N ALA A 33 -8.52 -5.70 16.58
CA ALA A 33 -9.80 -5.03 16.76
C ALA A 33 -10.95 -6.00 16.55
N GLN A 34 -10.88 -6.76 15.45
CA GLN A 34 -11.92 -7.74 15.15
C GLN A 34 -11.99 -8.81 16.23
N ARG A 35 -10.82 -9.26 16.69
CA ARG A 35 -10.77 -10.28 17.73
C ARG A 35 -11.25 -9.73 19.06
N ALA A 36 -11.22 -8.40 19.19
CA ALA A 36 -11.64 -7.76 20.43
C ALA A 36 -13.16 -7.87 20.58
N GLY B 1 -21.02 -7.91 19.25
CA GLY B 1 -21.10 -7.87 17.76
C GLY B 1 -20.20 -6.75 17.23
N LYS B 2 -19.12 -7.15 16.56
CA LYS B 2 -18.19 -6.17 16.01
C LYS B 2 -17.56 -5.34 17.12
N PRO B 3 -16.32 -4.98 16.97
CA PRO B 3 -15.58 -4.16 17.99
C PRO B 3 -16.04 -2.71 17.99
N LEU B 4 -15.32 -1.86 17.27
CA LEU B 4 -15.67 -0.44 17.20
C LEU B 4 -16.99 -0.25 16.46
N SER B 5 -17.34 1.01 16.22
CA SER B 5 -18.58 1.32 15.52
C SER B 5 -18.62 0.63 14.15
N CYS B 6 -19.79 0.60 13.54
CA CYS B 6 -19.95 -0.03 12.23
C CYS B 6 -19.22 0.77 11.16
N GLU B 7 -19.34 2.10 11.24
CA GLU B 7 -18.71 2.97 10.27
C GLU B 7 -17.19 2.96 10.46
N GLU B 8 -16.76 2.67 11.69
CA GLU B 8 -15.34 2.64 11.99
C GLU B 8 -14.65 1.51 11.24
N LYS B 9 -15.23 0.32 11.32
CA LYS B 9 -14.67 -0.84 10.63
C LYS B 9 -14.80 -0.68 9.12
N GLU B 10 -15.77 0.13 8.70
CA GLU B 10 -15.98 0.35 7.26
C GLU B 10 -14.91 1.29 6.71
N LYS B 11 -14.73 2.43 7.36
CA LYS B 11 -13.73 3.40 6.92
C LYS B 11 -12.37 2.73 6.76
N LEU B 12 -11.96 1.98 7.78
CA LEU B 12 -10.67 1.29 7.73
C LEU B 12 -10.67 0.24 6.63
N LYS B 13 -11.67 -0.64 6.65
CA LYS B 13 -11.77 -1.69 5.63
C LYS B 13 -11.68 -1.10 4.23
N GLU B 14 -12.48 -0.08 3.97
CA GLU B 14 -12.47 0.58 2.66
C GLU B 14 -11.11 1.21 2.39
N LYS B 15 -10.57 1.89 3.39
CA LYS B 15 -9.28 2.54 3.25
C LYS B 15 -8.21 1.54 2.83
N LEU B 16 -8.12 0.43 3.57
CA LEU B 16 -7.15 -0.61 3.26
C LEU B 16 -7.22 -1.00 1.79
N ALA B 17 -8.43 -1.15 1.29
CA ALA B 17 -8.63 -1.52 -0.11
C ALA B 17 -7.89 -0.56 -1.03
N PHE B 18 -8.06 0.73 -0.79
CA PHE B 18 -7.41 1.75 -1.60
C PHE B 18 -5.91 1.46 -1.71
N LEU B 19 -5.30 1.08 -0.60
CA LEU B 19 -3.87 0.79 -0.59
C LEU B 19 -3.54 -0.29 -1.63
N LYS B 20 -4.34 -1.35 -1.65
CA LYS B 20 -4.12 -2.43 -2.60
C LYS B 20 -4.19 -1.91 -4.03
N ARG B 21 -5.18 -1.08 -4.31
CA ARG B 21 -5.36 -0.52 -5.63
C ARG B 21 -4.10 0.23 -6.06
N GLU B 22 -3.52 1.00 -5.13
CA GLU B 22 -2.32 1.76 -5.41
C GLU B 22 -1.17 0.82 -5.81
N TYR B 23 -0.93 -0.18 -4.98
CA TYR B 23 0.14 -1.14 -5.25
C TYR B 23 0.16 -1.51 -6.72
N SER B 24 -0.94 -2.08 -7.20
CA SER B 24 -1.05 -2.48 -8.60
C SER B 24 -0.49 -1.40 -9.51
N LYS B 25 -0.90 -0.15 -9.27
CA LYS B 25 -0.44 0.97 -10.07
C LYS B 25 1.08 1.02 -10.10
N THR B 26 1.69 0.77 -8.95
CA THR B 26 3.15 0.80 -8.85
C THR B 26 3.76 -0.29 -9.72
N LEU B 27 3.36 -1.54 -9.47
CA LEU B 27 3.88 -2.67 -10.23
C LEU B 27 3.85 -2.35 -11.73
N ALA B 28 2.72 -1.84 -12.20
CA ALA B 28 2.59 -1.50 -13.61
C ALA B 28 3.81 -0.73 -14.10
N ARG B 29 4.10 0.40 -13.47
CA ARG B 29 5.25 1.20 -13.85
C ARG B 29 6.48 0.33 -14.04
N LEU B 30 6.87 -0.38 -13.00
CA LEU B 30 8.04 -1.25 -13.07
C LEU B 30 7.96 -2.16 -14.28
N GLN B 31 6.79 -2.78 -14.47
CA GLN B 31 6.58 -3.68 -15.59
C GLN B 31 7.08 -3.04 -16.89
N ARG B 32 7.05 -1.71 -16.93
CA ARG B 32 7.50 -0.99 -18.11
C ARG B 32 9.01 -0.90 -18.15
N ALA B 33 9.63 -0.68 -16.98
CA ALA B 33 11.07 -0.58 -16.90
C ALA B 33 11.73 -1.86 -17.43
N GLN B 34 11.02 -2.98 -17.31
CA GLN B 34 11.55 -4.25 -17.78
C GLN B 34 11.13 -4.50 -19.23
N ARG B 35 9.99 -3.92 -19.61
CA ARG B 35 9.48 -4.09 -20.96
C ARG B 35 10.60 -3.93 -21.99
N ALA B 36 11.39 -2.88 -21.84
CA ALA B 36 12.50 -2.62 -22.75
C ALA B 36 11.98 -2.35 -24.16
N GLY A 1 14.07 19.30 -18.25
CA GLY A 1 12.93 18.46 -17.77
C GLY A 1 13.44 17.44 -16.75
N LYS A 2 12.76 16.30 -16.67
CA LYS A 2 13.15 15.25 -15.74
C LYS A 2 12.71 13.89 -16.25
N PRO A 3 13.27 13.46 -17.35
CA PRO A 3 12.95 12.14 -17.97
C PRO A 3 12.97 11.01 -16.95
N LEU A 4 12.62 9.80 -17.40
CA LEU A 4 12.61 8.64 -16.51
C LEU A 4 14.03 8.28 -16.09
N SER A 5 14.57 9.04 -15.14
CA SER A 5 15.92 8.79 -14.65
C SER A 5 15.96 7.48 -13.86
N CYS A 6 17.12 7.20 -13.27
CA CYS A 6 17.28 5.98 -12.49
C CYS A 6 16.72 6.17 -11.09
N GLU A 7 17.08 7.28 -10.45
CA GLU A 7 16.60 7.56 -9.10
C GLU A 7 15.11 7.27 -8.98
N GLU A 8 14.38 7.46 -10.08
CA GLU A 8 12.96 7.21 -10.08
C GLU A 8 12.66 5.72 -9.95
N LYS A 9 13.49 4.91 -10.59
CA LYS A 9 13.31 3.46 -10.53
C LYS A 9 13.70 2.93 -9.15
N GLU A 10 14.84 3.39 -8.63
CA GLU A 10 15.30 2.97 -7.32
C GLU A 10 14.33 3.40 -6.24
N LYS A 11 13.79 4.60 -6.38
CA LYS A 11 12.84 5.13 -5.40
C LYS A 11 11.57 4.28 -5.38
N LEU A 12 11.25 3.67 -6.51
CA LEU A 12 10.06 2.84 -6.61
C LEU A 12 10.30 1.49 -5.95
N LYS A 13 11.40 0.84 -6.32
CA LYS A 13 11.73 -0.46 -5.76
C LYS A 13 11.57 -0.45 -4.24
N GLU A 14 12.35 0.38 -3.56
CA GLU A 14 12.28 0.48 -2.12
C GLU A 14 10.86 0.78 -1.67
N LYS A 15 10.33 1.90 -2.13
CA LYS A 15 8.96 2.30 -1.77
C LYS A 15 8.04 1.08 -1.76
N LEU A 16 8.07 0.31 -2.84
CA LEU A 16 7.24 -0.87 -2.95
C LEU A 16 7.53 -1.84 -1.80
N ALA A 17 8.80 -2.04 -1.52
CA ALA A 17 9.19 -2.95 -0.44
C ALA A 17 8.50 -2.56 0.86
N PHE A 18 8.48 -1.27 1.15
CA PHE A 18 7.85 -0.78 2.37
C PHE A 18 6.33 -0.73 2.20
N LEU A 19 5.88 -0.72 0.95
CA LEU A 19 4.45 -0.69 0.67
C LEU A 19 3.79 -1.99 1.10
N LYS A 20 4.38 -3.11 0.68
CA LYS A 20 3.84 -4.42 1.03
C LYS A 20 3.88 -4.64 2.54
N ARG A 21 5.04 -4.42 3.13
CA ARG A 21 5.20 -4.60 4.57
C ARG A 21 4.16 -3.79 5.32
N GLU A 22 3.93 -2.56 4.89
CA GLU A 22 2.96 -1.69 5.52
C GLU A 22 1.55 -2.27 5.39
N TYR A 23 1.23 -2.77 4.20
CA TYR A 23 -0.08 -3.36 3.96
C TYR A 23 -0.38 -4.44 4.98
N SER A 24 0.56 -5.35 5.18
CA SER A 24 0.38 -6.44 6.13
C SER A 24 0.15 -5.88 7.54
N LYS A 25 0.70 -4.70 7.79
CA LYS A 25 0.55 -4.06 9.10
C LYS A 25 -0.78 -3.32 9.19
N THR A 26 -1.17 -2.68 8.10
CA THR A 26 -2.42 -1.94 8.06
C THR A 26 -3.61 -2.90 8.19
N LEU A 27 -3.63 -3.92 7.34
CA LEU A 27 -4.71 -4.89 7.36
C LEU A 27 -4.83 -5.52 8.74
N ALA A 28 -3.72 -6.04 9.26
CA ALA A 28 -3.71 -6.67 10.57
C ALA A 28 -4.60 -5.89 11.54
N ARG A 29 -4.31 -4.60 11.70
CA ARG A 29 -5.09 -3.76 12.60
C ARG A 29 -6.57 -3.81 12.23
N LEU A 30 -6.85 -3.67 10.93
CA LEU A 30 -8.23 -3.69 10.45
C LEU A 30 -8.91 -5.00 10.86
N GLN A 31 -8.26 -6.12 10.56
CA GLN A 31 -8.82 -7.43 10.91
C GLN A 31 -9.26 -7.45 12.36
N ARG A 32 -8.44 -6.90 13.24
CA ARG A 32 -8.76 -6.87 14.66
C ARG A 32 -9.88 -5.87 14.94
N ALA A 33 -9.72 -4.65 14.42
CA ALA A 33 -10.73 -3.62 14.61
C ALA A 33 -12.11 -4.12 14.21
N GLN A 34 -12.17 -4.79 13.06
CA GLN A 34 -13.44 -5.32 12.57
C GLN A 34 -13.88 -6.52 13.41
N ARG A 35 -12.92 -7.19 14.02
CA ARG A 35 -13.22 -8.35 14.85
C ARG A 35 -14.17 -7.97 15.98
N ALA A 36 -14.30 -6.67 16.22
CA ALA A 36 -15.18 -6.18 17.28
C ALA A 36 -14.64 -6.58 18.65
N GLY B 1 -8.04 -2.61 21.86
CA GLY B 1 -9.08 -1.84 22.61
C GLY B 1 -10.40 -1.90 21.83
N LYS B 2 -10.98 -0.73 21.56
CA LYS B 2 -12.24 -0.66 20.82
C LYS B 2 -11.99 -0.70 19.32
N PRO B 3 -12.97 -1.09 18.56
CA PRO B 3 -12.87 -1.18 17.08
C PRO B 3 -12.86 0.19 16.43
N LEU B 4 -12.28 1.17 17.11
CA LEU B 4 -12.21 2.53 16.59
C LEU B 4 -13.61 3.10 16.40
N SER B 5 -13.68 4.37 16.02
CA SER B 5 -14.97 5.03 15.81
C SER B 5 -15.44 4.83 14.37
N CYS B 6 -16.64 5.32 14.08
CA CYS B 6 -17.20 5.17 12.73
C CYS B 6 -16.36 5.94 11.73
N GLU B 7 -16.12 7.22 12.01
CA GLU B 7 -15.32 8.06 11.12
C GLU B 7 -13.90 7.52 11.02
N GLU B 8 -13.47 6.79 12.04
CA GLU B 8 -12.13 6.22 12.04
C GLU B 8 -12.08 4.93 11.24
N LYS B 9 -12.97 4.00 11.57
CA LYS B 9 -13.03 2.72 10.86
C LYS B 9 -13.29 2.94 9.38
N GLU B 10 -14.03 4.00 9.07
CA GLU B 10 -14.34 4.31 7.67
C GLU B 10 -13.09 4.70 6.91
N LYS B 11 -12.40 5.73 7.41
CA LYS B 11 -11.18 6.21 6.77
C LYS B 11 -10.22 5.04 6.53
N LEU B 12 -9.79 4.40 7.60
CA LEU B 12 -8.87 3.27 7.49
C LEU B 12 -9.39 2.26 6.48
N LYS B 13 -10.63 1.81 6.68
CA LYS B 13 -11.23 0.84 5.78
C LYS B 13 -11.11 1.31 4.32
N GLU B 14 -11.33 2.60 4.11
CA GLU B 14 -11.25 3.16 2.76
C GLU B 14 -9.80 3.23 2.30
N LYS B 15 -8.90 3.56 3.23
CA LYS B 15 -7.49 3.66 2.89
C LYS B 15 -6.92 2.29 2.51
N LEU B 16 -7.27 1.28 3.29
CA LEU B 16 -6.80 -0.08 3.02
C LEU B 16 -7.12 -0.48 1.58
N ALA B 17 -8.39 -0.43 1.23
CA ALA B 17 -8.82 -0.79 -0.12
C ALA B 17 -7.99 -0.05 -1.16
N PHE B 18 -7.58 1.17 -0.82
CA PHE B 18 -6.78 1.98 -1.74
C PHE B 18 -5.35 1.45 -1.80
N LEU B 19 -4.82 1.04 -0.65
CA LEU B 19 -3.46 0.52 -0.60
C LEU B 19 -3.26 -0.57 -1.64
N LYS B 20 -4.20 -1.52 -1.68
CA LYS B 20 -4.11 -2.62 -2.64
C LYS B 20 -4.28 -2.10 -4.07
N ARG B 21 -5.10 -1.06 -4.22
CA ARG B 21 -5.34 -0.48 -5.53
C ARG B 21 -4.08 0.21 -6.05
N GLU B 22 -3.41 0.93 -5.15
CA GLU B 22 -2.19 1.64 -5.53
C GLU B 22 -1.09 0.65 -5.90
N TYR B 23 -0.88 -0.34 -5.04
CA TYR B 23 0.15 -1.34 -5.28
C TYR B 23 0.08 -1.84 -6.72
N SER B 24 -1.04 -2.46 -7.08
CA SER B 24 -1.23 -2.97 -8.43
C SER B 24 -0.75 -1.95 -9.47
N LYS B 25 -1.10 -0.69 -9.24
CA LYS B 25 -0.71 0.38 -10.15
C LYS B 25 0.78 0.66 -10.03
N THR B 26 1.31 0.56 -8.81
CA THR B 26 2.72 0.81 -8.58
C THR B 26 3.57 -0.27 -9.22
N LEU B 27 3.13 -1.53 -9.08
CA LEU B 27 3.87 -2.65 -9.65
C LEU B 27 3.93 -2.53 -11.17
N ALA B 28 2.79 -2.19 -11.79
CA ALA B 28 2.73 -2.05 -13.23
C ALA B 28 3.89 -1.19 -13.74
N ARG B 29 3.97 0.04 -13.25
CA ARG B 29 5.02 0.95 -13.66
C ARG B 29 6.37 0.25 -13.63
N LEU B 30 6.71 -0.34 -12.47
CA LEU B 30 7.97 -1.04 -12.33
C LEU B 30 8.17 -2.04 -13.47
N GLN B 31 7.11 -2.78 -13.79
CA GLN B 31 7.18 -3.76 -14.87
C GLN B 31 7.29 -3.07 -16.23
N ARG B 32 6.24 -2.36 -16.61
CA ARG B 32 6.23 -1.65 -17.88
C ARG B 32 7.55 -0.92 -18.11
N ALA B 33 8.19 -0.52 -17.01
CA ALA B 33 9.47 0.18 -17.10
C ALA B 33 10.60 -0.79 -17.43
N GLN B 34 10.52 -2.00 -16.88
CA GLN B 34 11.53 -3.01 -17.12
C GLN B 34 11.18 -3.85 -18.34
N ARG B 35 9.91 -3.77 -18.75
CA ARG B 35 9.45 -4.53 -19.91
C ARG B 35 10.21 -4.12 -21.17
N ALA B 36 10.56 -2.84 -21.25
CA ALA B 36 11.30 -2.33 -22.40
C ALA B 36 11.57 -0.84 -22.25
N GLY A 1 14.62 17.92 -12.09
CA GLY A 1 15.03 17.30 -13.38
C GLY A 1 15.41 15.84 -13.14
N LYS A 2 16.28 15.32 -13.99
CA LYS A 2 16.72 13.93 -13.88
C LYS A 2 15.59 12.97 -14.23
N PRO A 3 15.36 12.78 -15.50
CA PRO A 3 14.28 11.87 -16.00
C PRO A 3 14.33 10.50 -15.32
N LEU A 4 13.73 9.51 -15.97
CA LEU A 4 13.72 8.15 -15.42
C LEU A 4 15.11 7.53 -15.47
N SER A 5 16.01 8.03 -14.63
CA SER A 5 17.37 7.52 -14.59
C SER A 5 17.44 6.22 -13.78
N CYS A 6 18.65 5.82 -13.41
CA CYS A 6 18.83 4.60 -12.63
C CYS A 6 18.43 4.82 -11.18
N GLU A 7 18.88 5.94 -10.62
CA GLU A 7 18.57 6.25 -9.23
C GLU A 7 17.06 6.22 -8.99
N GLU A 8 16.31 6.71 -9.97
CA GLU A 8 14.86 6.73 -9.87
C GLU A 8 14.31 5.31 -9.77
N LYS A 9 14.81 4.43 -10.64
CA LYS A 9 14.36 3.04 -10.64
C LYS A 9 14.53 2.42 -9.26
N GLU A 10 15.76 2.39 -8.77
CA GLU A 10 16.05 1.82 -7.45
C GLU A 10 15.05 2.34 -6.43
N LYS A 11 14.83 3.65 -6.42
CA LYS A 11 13.90 4.26 -5.48
C LYS A 11 12.58 3.48 -5.45
N LEU A 12 11.99 3.30 -6.62
CA LEU A 12 10.73 2.57 -6.73
C LEU A 12 10.84 1.21 -6.04
N LYS A 13 11.92 0.50 -6.32
CA LYS A 13 12.14 -0.82 -5.73
C LYS A 13 11.93 -0.77 -4.23
N GLU A 14 12.66 0.12 -3.56
CA GLU A 14 12.54 0.26 -2.11
C GLU A 14 11.17 0.79 -1.73
N LYS A 15 10.49 1.40 -2.69
CA LYS A 15 9.16 1.96 -2.45
C LYS A 15 8.12 0.85 -2.37
N LEU A 16 7.98 0.10 -3.47
CA LEU A 16 7.02 -1.00 -3.50
C LEU A 16 7.25 -1.95 -2.33
N ALA A 17 8.51 -2.20 -2.01
CA ALA A 17 8.86 -3.09 -0.92
C ALA A 17 8.12 -2.70 0.35
N PHE A 18 8.47 -1.53 0.89
CA PHE A 18 7.83 -1.04 2.11
C PHE A 18 6.32 -0.98 1.93
N LEU A 19 5.88 -0.91 0.67
CA LEU A 19 4.45 -0.85 0.38
C LEU A 19 3.74 -2.09 0.89
N LYS A 20 4.30 -3.26 0.58
CA LYS A 20 3.71 -4.52 1.01
C LYS A 20 3.82 -4.66 2.53
N ARG A 21 4.82 -4.03 3.11
CA ARG A 21 5.03 -4.10 4.55
C ARG A 21 4.05 -3.17 5.27
N GLU A 22 3.78 -2.02 4.67
CA GLU A 22 2.86 -1.06 5.27
C GLU A 22 1.44 -1.62 5.31
N TYR A 23 1.07 -2.33 4.25
CA TYR A 23 -0.26 -2.92 4.17
C TYR A 23 -0.47 -3.91 5.30
N SER A 24 0.46 -4.84 5.46
CA SER A 24 0.36 -5.85 6.52
C SER A 24 0.02 -5.19 7.84
N LYS A 25 0.68 -4.08 8.14
CA LYS A 25 0.42 -3.36 9.38
C LYS A 25 -0.98 -2.77 9.39
N THR A 26 -1.38 -2.19 8.26
CA THR A 26 -2.72 -1.59 8.16
C THR A 26 -3.79 -2.64 8.44
N LEU A 27 -3.72 -3.77 7.73
CA LEU A 27 -4.69 -4.83 7.92
C LEU A 27 -4.61 -5.39 9.34
N ALA A 28 -3.39 -5.64 9.79
CA ALA A 28 -3.18 -6.18 11.14
C ALA A 28 -4.16 -5.54 12.13
N ARG A 29 -4.22 -4.21 12.14
CA ARG A 29 -5.11 -3.50 13.04
C ARG A 29 -6.56 -3.86 12.73
N LEU A 30 -6.92 -3.81 11.45
CA LEU A 30 -8.29 -4.13 11.05
C LEU A 30 -8.68 -5.51 11.54
N GLN A 31 -7.82 -6.49 11.29
CA GLN A 31 -8.09 -7.86 11.71
C GLN A 31 -8.19 -7.95 13.23
N ARG A 32 -7.09 -7.64 13.91
CA ARG A 32 -7.07 -7.68 15.37
C ARG A 32 -8.22 -6.86 15.95
N ALA A 33 -8.62 -5.82 15.22
CA ALA A 33 -9.71 -4.96 15.67
C ALA A 33 -11.04 -5.73 15.65
N GLN A 34 -11.33 -6.36 14.52
CA GLN A 34 -12.57 -7.12 14.39
C GLN A 34 -12.55 -8.34 15.30
N ARG A 35 -11.36 -8.88 15.55
CA ARG A 35 -11.22 -10.04 16.41
C ARG A 35 -11.76 -9.74 17.80
N ALA A 36 -11.36 -8.60 18.36
CA ALA A 36 -11.81 -8.21 19.69
C ALA A 36 -11.24 -6.85 20.07
N GLY B 1 -10.38 -1.30 26.00
CA GLY B 1 -9.69 -2.12 24.96
C GLY B 1 -10.73 -2.94 24.20
N LYS B 2 -11.61 -2.25 23.48
CA LYS B 2 -12.65 -2.94 22.71
C LYS B 2 -12.50 -2.64 21.23
N PRO B 3 -13.01 -3.50 20.38
CA PRO B 3 -12.95 -3.33 18.91
C PRO B 3 -13.37 -1.93 18.47
N LEU B 4 -13.16 -1.63 17.19
CA LEU B 4 -13.53 -0.32 16.66
C LEU B 4 -15.03 -0.24 16.41
N SER B 5 -15.51 0.94 16.03
CA SER B 5 -16.93 1.14 15.78
C SER B 5 -17.24 0.89 14.31
N CYS B 6 -18.42 1.33 13.88
CA CYS B 6 -18.83 1.15 12.49
C CYS B 6 -18.30 2.28 11.63
N GLU B 7 -18.37 3.50 12.14
CA GLU B 7 -17.90 4.67 11.40
C GLU B 7 -16.41 4.54 11.10
N GLU B 8 -15.65 4.02 12.07
CA GLU B 8 -14.22 3.85 11.89
C GLU B 8 -13.93 2.68 10.95
N LYS B 9 -14.43 1.50 11.31
CA LYS B 9 -14.22 0.31 10.48
C LYS B 9 -14.38 0.65 9.00
N GLU B 10 -15.37 1.48 8.70
CA GLU B 10 -15.63 1.88 7.32
C GLU B 10 -14.46 2.69 6.77
N LYS B 11 -14.22 3.85 7.39
CA LYS B 11 -13.12 4.71 6.96
C LYS B 11 -11.84 3.92 6.77
N LEU B 12 -11.49 3.11 7.77
CA LEU B 12 -10.28 2.30 7.70
C LEU B 12 -10.40 1.27 6.58
N LYS B 13 -11.51 0.52 6.59
CA LYS B 13 -11.73 -0.50 5.58
C LYS B 13 -11.53 0.07 4.18
N GLU B 14 -12.29 1.10 3.84
CA GLU B 14 -12.18 1.73 2.54
C GLU B 14 -10.73 2.12 2.26
N LYS B 15 -10.10 2.79 3.23
CA LYS B 15 -8.72 3.22 3.08
C LYS B 15 -7.83 2.05 2.69
N LEU B 16 -7.78 1.03 3.55
CA LEU B 16 -6.97 -0.14 3.27
C LEU B 16 -7.20 -0.65 1.85
N ALA B 17 -8.44 -0.50 1.37
CA ALA B 17 -8.78 -0.94 0.03
C ALA B 17 -8.01 -0.12 -1.01
N PHE B 18 -7.82 1.16 -0.73
CA PHE B 18 -7.10 2.03 -1.64
C PHE B 18 -5.64 1.60 -1.76
N LEU B 19 -5.04 1.24 -0.63
CA LEU B 19 -3.65 0.81 -0.62
C LEU B 19 -3.43 -0.31 -1.63
N LYS B 20 -4.31 -1.31 -1.60
CA LYS B 20 -4.19 -2.43 -2.53
C LYS B 20 -4.27 -1.96 -3.97
N ARG B 21 -5.13 -0.97 -4.22
CA ARG B 21 -5.29 -0.43 -5.56
C ARG B 21 -3.98 0.21 -6.04
N GLU B 22 -3.32 0.94 -5.14
CA GLU B 22 -2.07 1.60 -5.48
C GLU B 22 -1.02 0.57 -5.89
N TYR B 23 -0.82 -0.44 -5.05
CA TYR B 23 0.16 -1.47 -5.35
C TYR B 23 0.09 -1.89 -6.81
N SER B 24 -1.08 -2.37 -7.24
CA SER B 24 -1.26 -2.78 -8.62
C SER B 24 -0.72 -1.73 -9.57
N LYS B 25 -0.97 -0.47 -9.25
CA LYS B 25 -0.50 0.64 -10.09
C LYS B 25 1.02 0.79 -9.98
N THR B 26 1.53 0.57 -8.77
CA THR B 26 2.97 0.68 -8.54
C THR B 26 3.73 -0.40 -9.29
N LEU B 27 3.25 -1.64 -9.17
CA LEU B 27 3.89 -2.77 -9.84
C LEU B 27 3.80 -2.61 -11.35
N ALA B 28 2.68 -2.06 -11.82
CA ALA B 28 2.47 -1.87 -13.25
C ALA B 28 3.59 -1.01 -13.83
N ARG B 29 4.04 -0.01 -13.06
CA ARG B 29 5.10 0.87 -13.50
C ARG B 29 6.43 0.12 -13.60
N LEU B 30 6.81 -0.52 -12.51
CA LEU B 30 8.06 -1.28 -12.47
C LEU B 30 8.17 -2.19 -13.69
N GLN B 31 7.04 -2.79 -14.07
CA GLN B 31 7.02 -3.69 -15.22
C GLN B 31 7.54 -2.98 -16.46
N ARG B 32 6.79 -1.97 -16.92
CA ARG B 32 7.20 -1.21 -18.09
C ARG B 32 8.63 -0.73 -17.96
N ALA B 33 8.98 -0.24 -16.77
CA ALA B 33 10.33 0.25 -16.53
C ALA B 33 11.35 -0.89 -16.63
N GLN B 34 10.89 -2.10 -16.34
CA GLN B 34 11.77 -3.26 -16.40
C GLN B 34 11.71 -3.91 -17.78
N ARG B 35 10.72 -3.52 -18.57
CA ARG B 35 10.56 -4.06 -19.91
C ARG B 35 11.84 -3.89 -20.71
N ALA B 36 12.75 -3.07 -20.21
CA ALA B 36 14.02 -2.84 -20.88
C ALA B 36 14.96 -2.04 -19.99
N GLY A 1 8.35 16.69 -15.54
CA GLY A 1 9.42 17.03 -14.54
C GLY A 1 10.09 15.74 -14.06
N LYS A 2 11.37 15.61 -14.34
CA LYS A 2 12.13 14.43 -13.94
C LYS A 2 11.63 13.20 -14.69
N PRO A 3 11.62 13.27 -15.99
CA PRO A 3 11.16 12.14 -16.86
C PRO A 3 11.78 10.81 -16.44
N LEU A 4 11.23 10.21 -15.39
CA LEU A 4 11.73 8.93 -14.89
C LEU A 4 13.25 8.98 -14.74
N SER A 5 13.72 9.54 -13.63
CA SER A 5 15.15 9.64 -13.38
C SER A 5 15.64 8.46 -12.56
N CYS A 6 16.86 8.02 -12.82
CA CYS A 6 17.44 6.89 -12.08
C CYS A 6 17.06 6.96 -10.61
N GLU A 7 17.51 8.02 -9.94
CA GLU A 7 17.22 8.18 -8.52
C GLU A 7 15.75 7.90 -8.24
N GLU A 8 14.88 8.29 -9.17
CA GLU A 8 13.45 8.06 -9.01
C GLU A 8 13.12 6.58 -9.11
N LYS A 9 13.82 5.89 -10.01
CA LYS A 9 13.60 4.45 -10.19
C LYS A 9 13.95 3.69 -8.91
N GLU A 10 15.18 3.87 -8.45
CA GLU A 10 15.63 3.19 -7.23
C GLU A 10 14.61 3.37 -6.11
N LYS A 11 14.02 4.55 -6.04
CA LYS A 11 13.02 4.83 -5.01
C LYS A 11 11.82 3.92 -5.16
N LEU A 12 11.24 3.90 -6.35
CA LEU A 12 10.08 3.06 -6.62
C LEU A 12 10.28 1.67 -6.03
N LYS A 13 11.45 1.08 -6.29
CA LYS A 13 11.75 -0.25 -5.77
C LYS A 13 11.67 -0.27 -4.25
N GLU A 14 12.50 0.52 -3.60
CA GLU A 14 12.51 0.59 -2.15
C GLU A 14 11.14 1.00 -1.62
N LYS A 15 10.39 1.73 -2.44
CA LYS A 15 9.07 2.19 -2.05
C LYS A 15 8.10 1.01 -1.99
N LEU A 16 7.96 0.30 -3.10
CA LEU A 16 7.07 -0.84 -3.16
C LEU A 16 7.36 -1.82 -2.03
N ALA A 17 8.64 -1.93 -1.67
CA ALA A 17 9.04 -2.84 -0.60
C ALA A 17 8.38 -2.44 0.72
N PHE A 18 8.34 -1.14 0.98
CA PHE A 18 7.74 -0.64 2.21
C PHE A 18 6.21 -0.63 2.10
N LEU A 19 5.72 -0.61 0.86
CA LEU A 19 4.29 -0.62 0.63
C LEU A 19 3.66 -1.93 1.10
N LYS A 20 4.26 -3.04 0.69
CA LYS A 20 3.75 -4.36 1.07
C LYS A 20 3.86 -4.55 2.58
N ARG A 21 5.07 -4.40 3.11
CA ARG A 21 5.28 -4.56 4.54
C ARG A 21 4.20 -3.85 5.34
N GLU A 22 3.90 -2.62 4.93
CA GLU A 22 2.87 -1.83 5.61
C GLU A 22 1.49 -2.46 5.40
N TYR A 23 1.16 -2.73 4.15
CA TYR A 23 -0.13 -3.33 3.82
C TYR A 23 -0.44 -4.48 4.78
N SER A 24 0.58 -5.25 5.12
CA SER A 24 0.40 -6.38 6.03
C SER A 24 0.01 -5.89 7.42
N LYS A 25 0.67 -4.84 7.89
CA LYS A 25 0.38 -4.29 9.20
C LYS A 25 -0.90 -3.47 9.17
N THR A 26 -1.23 -2.93 7.99
CA THR A 26 -2.44 -2.14 7.83
C THR A 26 -3.68 -3.02 7.90
N LEU A 27 -3.68 -4.08 7.10
CA LEU A 27 -4.81 -5.01 7.07
C LEU A 27 -4.98 -5.68 8.42
N ALA A 28 -3.92 -6.30 8.91
CA ALA A 28 -3.97 -6.99 10.19
C ALA A 28 -4.79 -6.18 11.20
N ARG A 29 -4.35 -4.96 11.47
CA ARG A 29 -5.06 -4.09 12.41
C ARG A 29 -6.54 -4.05 12.09
N LEU A 30 -6.87 -3.87 10.82
CA LEU A 30 -8.26 -3.81 10.39
C LEU A 30 -8.99 -5.09 10.77
N GLN A 31 -8.41 -6.23 10.42
CA GLN A 31 -9.01 -7.52 10.74
C GLN A 31 -9.28 -7.63 12.24
N ARG A 32 -8.22 -7.64 13.03
CA ARG A 32 -8.35 -7.74 14.48
C ARG A 32 -9.31 -6.67 14.99
N ALA A 33 -9.13 -5.44 14.53
CA ALA A 33 -9.98 -4.33 14.96
C ALA A 33 -11.44 -4.66 14.71
N GLN A 34 -11.77 -5.02 13.47
CA GLN A 34 -13.13 -5.36 13.12
C GLN A 34 -13.63 -6.55 13.94
N ARG A 35 -12.76 -7.53 14.12
CA ARG A 35 -13.11 -8.72 14.89
C ARG A 35 -13.46 -8.34 16.33
N ALA A 36 -12.84 -7.27 16.83
CA ALA A 36 -13.10 -6.82 18.19
C ALA A 36 -12.65 -7.88 19.19
N GLY B 1 -19.15 1.95 15.53
CA GLY B 1 -19.82 1.39 16.74
C GLY B 1 -18.80 1.22 17.86
N LYS B 2 -18.42 -0.02 18.12
CA LYS B 2 -17.45 -0.31 19.16
C LYS B 2 -16.05 -0.43 18.57
N PRO B 3 -15.86 -1.31 17.63
CA PRO B 3 -14.55 -1.53 16.97
C PRO B 3 -13.90 -0.23 16.54
N LEU B 4 -13.01 0.30 17.38
CA LEU B 4 -12.32 1.55 17.08
C LEU B 4 -13.33 2.68 16.93
N SER B 5 -12.86 3.80 16.36
CA SER B 5 -13.72 4.96 16.17
C SER B 5 -14.21 5.03 14.73
N CYS B 6 -15.52 4.98 14.55
CA CYS B 6 -16.11 5.05 13.21
C CYS B 6 -15.28 5.97 12.31
N GLU B 7 -14.77 7.05 12.89
CA GLU B 7 -13.97 8.00 12.14
C GLU B 7 -12.65 7.37 11.70
N GLU B 8 -12.02 6.64 12.61
CA GLU B 8 -10.75 5.99 12.31
C GLU B 8 -10.98 4.78 11.40
N LYS B 9 -11.97 3.96 11.75
CA LYS B 9 -12.28 2.77 10.96
C LYS B 9 -12.63 3.15 9.53
N GLU B 10 -13.41 4.23 9.38
CA GLU B 10 -13.81 4.69 8.06
C GLU B 10 -12.60 5.15 7.26
N LYS B 11 -11.77 5.99 7.87
CA LYS B 11 -10.58 6.50 7.21
C LYS B 11 -9.61 5.35 6.90
N LEU B 12 -9.40 4.49 7.88
CA LEU B 12 -8.49 3.35 7.70
C LEU B 12 -8.99 2.45 6.59
N LYS B 13 -10.22 1.99 6.71
CA LYS B 13 -10.80 1.11 5.69
C LYS B 13 -10.52 1.64 4.29
N GLU B 14 -10.99 2.86 4.02
CA GLU B 14 -10.77 3.47 2.72
C GLU B 14 -9.30 3.45 2.34
N LYS B 15 -8.45 3.89 3.26
CA LYS B 15 -7.01 3.91 3.02
C LYS B 15 -6.53 2.53 2.59
N LEU B 16 -6.79 1.53 3.42
CA LEU B 16 -6.38 0.17 3.11
C LEU B 16 -6.84 -0.24 1.72
N ALA B 17 -8.13 -0.04 1.45
CA ALA B 17 -8.70 -0.40 0.15
C ALA B 17 -7.91 0.27 -0.97
N PHE B 18 -7.55 1.53 -0.77
CA PHE B 18 -6.79 2.27 -1.77
C PHE B 18 -5.34 1.81 -1.79
N LEU B 19 -4.89 1.22 -0.69
CA LEU B 19 -3.52 0.73 -0.59
C LEU B 19 -3.28 -0.41 -1.58
N LYS B 20 -4.19 -1.38 -1.57
CA LYS B 20 -4.07 -2.53 -2.47
C LYS B 20 -4.16 -2.07 -3.92
N ARG B 21 -5.17 -1.27 -4.23
CA ARG B 21 -5.36 -0.78 -5.59
C ARG B 21 -4.09 -0.09 -6.09
N GLU B 22 -3.48 0.72 -5.23
CA GLU B 22 -2.26 1.43 -5.59
C GLU B 22 -1.16 0.45 -5.97
N TYR B 23 -0.93 -0.54 -5.12
CA TYR B 23 0.09 -1.55 -5.37
C TYR B 23 0.05 -2.00 -6.82
N SER B 24 -1.12 -2.50 -7.25
CA SER B 24 -1.27 -2.97 -8.62
C SER B 24 -0.77 -1.92 -9.61
N LYS B 25 -1.01 -0.65 -9.29
CA LYS B 25 -0.58 0.45 -10.17
C LYS B 25 0.92 0.69 -10.00
N THR B 26 1.41 0.55 -8.77
CA THR B 26 2.82 0.76 -8.51
C THR B 26 3.66 -0.37 -9.09
N LEU B 27 3.07 -1.57 -9.13
CA LEU B 27 3.78 -2.73 -9.67
C LEU B 27 3.75 -2.70 -11.20
N ALA B 28 2.67 -2.19 -11.76
CA ALA B 28 2.54 -2.10 -13.22
C ALA B 28 3.63 -1.21 -13.80
N ARG B 29 3.89 -0.09 -13.13
CA ARG B 29 4.90 0.85 -13.60
C ARG B 29 6.29 0.19 -13.57
N LEU B 30 6.65 -0.37 -12.42
CA LEU B 30 7.94 -1.02 -12.28
C LEU B 30 8.12 -2.11 -13.34
N GLN B 31 7.06 -2.90 -13.54
CA GLN B 31 7.11 -3.98 -14.52
C GLN B 31 7.35 -3.42 -15.92
N ARG B 32 6.51 -2.48 -16.33
CA ARG B 32 6.65 -1.87 -17.65
C ARG B 32 8.03 -1.25 -17.82
N ALA B 33 8.69 -0.98 -16.69
CA ALA B 33 10.03 -0.39 -16.73
C ALA B 33 11.09 -1.48 -16.87
N GLN B 34 10.73 -2.70 -16.49
CA GLN B 34 11.67 -3.82 -16.58
C GLN B 34 11.71 -4.36 -18.00
N ARG B 35 10.54 -4.45 -18.64
CA ARG B 35 10.47 -4.97 -20.00
C ARG B 35 11.11 -3.98 -20.98
N ALA B 36 10.75 -2.72 -20.86
CA ALA B 36 11.30 -1.69 -21.75
C ALA B 36 10.94 -1.98 -23.19
N GLY A 1 14.29 18.21 -7.93
CA GLY A 1 13.91 17.20 -6.91
C GLY A 1 14.45 15.83 -7.30
N LYS A 2 15.54 15.84 -8.08
CA LYS A 2 16.15 14.59 -8.53
C LYS A 2 15.23 13.86 -9.49
N PRO A 3 15.25 14.25 -10.74
CA PRO A 3 14.40 13.61 -11.80
C PRO A 3 14.49 12.09 -11.76
N LEU A 4 13.46 11.43 -12.30
CA LEU A 4 13.43 9.97 -12.33
C LEU A 4 14.61 9.43 -13.14
N SER A 5 15.53 8.77 -12.45
CA SER A 5 16.70 8.20 -13.11
C SER A 5 17.19 6.97 -12.36
N CYS A 6 18.39 6.51 -12.70
CA CYS A 6 18.97 5.34 -12.06
C CYS A 6 18.79 5.43 -10.54
N GLU A 7 18.99 6.61 -9.99
CA GLU A 7 18.85 6.81 -8.55
C GLU A 7 17.39 6.62 -8.13
N GLU A 8 16.51 7.47 -8.65
CA GLU A 8 15.09 7.38 -8.31
C GLU A 8 14.59 5.96 -8.52
N LYS A 9 15.20 5.24 -9.45
CA LYS A 9 14.80 3.86 -9.74
C LYS A 9 14.95 2.99 -8.49
N GLU A 10 16.19 2.83 -8.03
CA GLU A 10 16.46 2.02 -6.86
C GLU A 10 15.49 2.37 -5.73
N LYS A 11 15.01 3.61 -5.74
CA LYS A 11 14.07 4.07 -4.72
C LYS A 11 12.73 3.36 -4.87
N LEU A 12 12.20 3.35 -6.09
CA LEU A 12 10.93 2.72 -6.36
C LEU A 12 10.90 1.30 -5.78
N LYS A 13 11.89 0.50 -6.17
CA LYS A 13 11.97 -0.87 -5.68
C LYS A 13 11.80 -0.91 -4.17
N GLU A 14 12.56 -0.08 -3.46
CA GLU A 14 12.48 -0.03 -2.01
C GLU A 14 11.08 0.38 -1.56
N LYS A 15 10.65 1.56 -1.98
CA LYS A 15 9.33 2.06 -1.62
C LYS A 15 8.31 0.94 -1.67
N LEU A 16 8.16 0.32 -2.84
CA LEU A 16 7.21 -0.76 -3.01
C LEU A 16 7.39 -1.81 -1.91
N ALA A 17 8.65 -2.09 -1.58
CA ALA A 17 8.95 -3.08 -0.55
C ALA A 17 8.29 -2.69 0.76
N PHE A 18 8.27 -1.40 1.06
CA PHE A 18 7.67 -0.90 2.29
C PHE A 18 6.15 -0.87 2.16
N LEU A 19 5.66 -0.82 0.92
CA LEU A 19 4.23 -0.80 0.68
C LEU A 19 3.57 -2.09 1.15
N LYS A 20 4.14 -3.22 0.73
CA LYS A 20 3.61 -4.52 1.11
C LYS A 20 3.71 -4.72 2.62
N ARG A 21 4.89 -4.45 3.17
CA ARG A 21 5.11 -4.60 4.60
C ARG A 21 4.15 -3.71 5.38
N GLU A 22 3.79 -2.57 4.80
CA GLU A 22 2.87 -1.64 5.45
C GLU A 22 1.44 -2.13 5.33
N TYR A 23 1.12 -2.75 4.20
CA TYR A 23 -0.22 -3.26 3.97
C TYR A 23 -0.63 -4.23 5.08
N SER A 24 0.21 -5.24 5.30
CA SER A 24 -0.06 -6.23 6.34
C SER A 24 -0.13 -5.56 7.71
N LYS A 25 0.74 -4.58 7.93
CA LYS A 25 0.78 -3.87 9.21
C LYS A 25 -0.50 -3.09 9.42
N THR A 26 -1.05 -2.54 8.33
CA THR A 26 -2.28 -1.77 8.41
C THR A 26 -3.45 -2.65 8.82
N LEU A 27 -3.80 -3.58 7.94
CA LEU A 27 -4.92 -4.49 8.22
C LEU A 27 -4.80 -5.06 9.63
N ALA A 28 -3.61 -5.58 9.95
CA ALA A 28 -3.38 -6.16 11.27
C ALA A 28 -4.07 -5.33 12.34
N ARG A 29 -3.67 -4.06 12.45
CA ARG A 29 -4.26 -3.17 13.45
C ARG A 29 -5.77 -3.07 13.26
N LEU A 30 -6.21 -3.05 12.00
CA LEU A 30 -7.62 -2.96 11.70
C LEU A 30 -8.38 -4.16 12.28
N GLN A 31 -7.73 -5.32 12.28
CA GLN A 31 -8.33 -6.53 12.81
C GLN A 31 -8.59 -6.40 14.31
N ARG A 32 -7.63 -5.79 15.01
CA ARG A 32 -7.75 -5.61 16.45
C ARG A 32 -8.74 -4.49 16.76
N ALA A 33 -8.93 -3.59 15.80
CA ALA A 33 -9.85 -2.48 15.99
C ALA A 33 -11.30 -2.95 15.87
N GLN A 34 -11.61 -3.64 14.78
CA GLN A 34 -12.96 -4.13 14.56
C GLN A 34 -13.36 -5.10 15.67
N ARG A 35 -12.43 -5.96 16.07
CA ARG A 35 -12.70 -6.92 17.13
C ARG A 35 -12.64 -6.25 18.50
N ALA A 36 -12.21 -4.99 18.52
CA ALA A 36 -12.11 -4.24 19.76
C ALA A 36 -12.71 -2.85 19.60
N GLY B 1 -18.08 0.53 23.83
CA GLY B 1 -19.38 0.74 23.12
C GLY B 1 -19.11 0.90 21.62
N LYS B 2 -17.95 1.43 21.28
CA LYS B 2 -17.60 1.64 19.88
C LYS B 2 -16.08 1.55 19.70
N PRO B 3 -15.65 0.79 18.73
CA PRO B 3 -14.19 0.61 18.43
C PRO B 3 -13.58 1.85 17.79
N LEU B 4 -12.95 2.69 18.61
CA LEU B 4 -12.33 3.90 18.11
C LEU B 4 -13.35 4.78 17.39
N SER B 5 -12.97 6.02 17.10
CA SER B 5 -13.86 6.95 16.42
C SER B 5 -14.28 6.39 15.06
N CYS B 6 -15.58 6.19 14.89
CA CYS B 6 -16.10 5.65 13.63
C CYS B 6 -15.39 6.28 12.45
N GLU B 7 -14.77 7.44 12.68
CA GLU B 7 -14.05 8.14 11.62
C GLU B 7 -12.73 7.45 11.32
N GLU B 8 -11.89 7.33 12.35
CA GLU B 8 -10.58 6.69 12.19
C GLU B 8 -10.73 5.36 11.47
N LYS B 9 -11.63 4.52 11.97
CA LYS B 9 -11.86 3.21 11.37
C LYS B 9 -12.04 3.34 9.85
N GLU B 10 -13.11 4.00 9.44
CA GLU B 10 -13.39 4.19 8.03
C GLU B 10 -12.13 4.67 7.30
N LYS B 11 -11.47 5.67 7.86
CA LYS B 11 -10.25 6.20 7.25
C LYS B 11 -9.28 5.09 6.94
N LEU B 12 -9.19 4.11 7.85
CA LEU B 12 -8.28 2.99 7.66
C LEU B 12 -8.90 1.95 6.73
N LYS B 13 -10.13 1.55 7.03
CA LYS B 13 -10.82 0.57 6.21
C LYS B 13 -10.76 0.94 4.74
N GLU B 14 -10.98 2.23 4.45
CA GLU B 14 -10.94 2.71 3.09
C GLU B 14 -9.52 2.64 2.52
N LYS B 15 -8.60 3.33 3.20
CA LYS B 15 -7.21 3.34 2.75
C LYS B 15 -6.74 1.93 2.41
N LEU B 16 -6.88 1.01 3.36
CA LEU B 16 -6.48 -0.37 3.15
C LEU B 16 -6.92 -0.86 1.78
N ALA B 17 -8.21 -0.66 1.47
CA ALA B 17 -8.76 -1.08 0.19
C ALA B 17 -7.97 -0.46 -0.96
N PHE B 18 -7.87 0.87 -0.95
CA PHE B 18 -7.14 1.57 -2.00
C PHE B 18 -5.67 1.14 -2.03
N LEU B 19 -5.14 0.79 -0.86
CA LEU B 19 -3.75 0.35 -0.76
C LEU B 19 -3.46 -0.73 -1.79
N LYS B 20 -4.28 -1.78 -1.79
CA LYS B 20 -4.10 -2.89 -2.73
C LYS B 20 -4.29 -2.40 -4.16
N ARG B 21 -5.20 -1.44 -4.34
CA ARG B 21 -5.46 -0.90 -5.66
C ARG B 21 -4.25 -0.14 -6.19
N GLU B 22 -3.67 0.71 -5.34
CA GLU B 22 -2.50 1.48 -5.72
C GLU B 22 -1.37 0.56 -6.18
N TYR B 23 -1.11 -0.48 -5.38
CA TYR B 23 -0.05 -1.42 -5.72
C TYR B 23 -0.14 -1.83 -7.18
N SER B 24 -1.29 -2.38 -7.57
CA SER B 24 -1.48 -2.80 -8.95
C SER B 24 -0.95 -1.76 -9.92
N LYS B 25 -1.31 -0.49 -9.66
CA LYS B 25 -0.86 0.60 -10.51
C LYS B 25 0.65 0.79 -10.39
N THR B 26 1.16 0.71 -9.17
CA THR B 26 2.58 0.87 -8.93
C THR B 26 3.38 -0.22 -9.63
N LEU B 27 3.08 -1.47 -9.31
CA LEU B 27 3.77 -2.60 -9.92
C LEU B 27 3.92 -2.38 -11.43
N ALA B 28 2.86 -1.92 -12.07
CA ALA B 28 2.88 -1.67 -13.50
C ALA B 28 4.08 -0.80 -13.87
N ARG B 29 4.18 0.35 -13.24
CA ARG B 29 5.29 1.27 -13.50
C ARG B 29 6.61 0.52 -13.52
N LEU B 30 6.92 -0.14 -12.41
CA LEU B 30 8.17 -0.90 -12.30
C LEU B 30 8.33 -1.82 -13.50
N GLN B 31 7.22 -2.41 -13.95
CA GLN B 31 7.26 -3.33 -15.09
C GLN B 31 7.59 -2.56 -16.37
N ARG B 32 6.98 -1.38 -16.52
CA ARG B 32 7.22 -0.57 -17.71
C ARG B 32 8.65 -0.04 -17.72
N ALA B 33 9.00 0.72 -16.69
CA ALA B 33 10.36 1.28 -16.59
C ALA B 33 11.40 0.22 -16.92
N GLN B 34 11.07 -1.03 -16.64
CA GLN B 34 11.99 -2.13 -16.90
C GLN B 34 11.75 -2.71 -18.29
N ARG B 35 10.49 -2.66 -18.73
CA ARG B 35 10.14 -3.18 -20.05
C ARG B 35 10.99 -2.54 -21.13
N ALA B 36 11.10 -1.21 -21.08
CA ALA B 36 11.89 -0.48 -22.07
C ALA B 36 13.30 -1.06 -22.15
N GLY A 1 18.92 12.72 -20.85
CA GLY A 1 19.60 11.83 -21.83
C GLY A 1 19.78 10.45 -21.22
N LYS A 2 19.29 9.43 -21.92
CA LYS A 2 19.40 8.05 -21.45
C LYS A 2 18.87 7.95 -20.01
N PRO A 3 17.67 8.42 -19.79
CA PRO A 3 17.04 8.38 -18.44
C PRO A 3 16.57 6.98 -18.07
N LEU A 4 15.65 6.89 -17.12
CA LEU A 4 15.13 5.60 -16.67
C LEU A 4 16.20 4.52 -16.81
N SER A 5 17.08 4.45 -15.83
CA SER A 5 18.15 3.46 -15.84
C SER A 5 17.94 2.42 -14.74
N CYS A 6 18.77 1.38 -14.74
CA CYS A 6 18.67 0.34 -13.74
C CYS A 6 18.53 0.93 -12.34
N GLU A 7 19.15 2.09 -12.13
CA GLU A 7 19.09 2.75 -10.84
C GLU A 7 17.65 3.12 -10.49
N GLU A 8 16.93 3.66 -11.46
CA GLU A 8 15.53 4.04 -11.25
C GLU A 8 14.69 2.83 -10.91
N LYS A 9 15.07 1.67 -11.45
CA LYS A 9 14.34 0.43 -11.21
C LYS A 9 14.54 -0.03 -9.77
N GLU A 10 15.78 0.01 -9.30
CA GLU A 10 16.09 -0.41 -7.94
C GLU A 10 15.42 0.51 -6.93
N LYS A 11 15.38 1.80 -7.24
CA LYS A 11 14.76 2.77 -6.34
C LYS A 11 13.27 2.46 -6.17
N LEU A 12 12.60 2.15 -7.28
CA LEU A 12 11.18 1.83 -7.23
C LEU A 12 10.95 0.48 -6.57
N LYS A 13 11.79 -0.49 -6.93
CA LYS A 13 11.67 -1.83 -6.37
C LYS A 13 11.60 -1.78 -4.85
N GLU A 14 12.56 -1.08 -4.25
CA GLU A 14 12.60 -0.96 -2.79
C GLU A 14 11.35 -0.23 -2.29
N LYS A 15 11.15 0.98 -2.79
CA LYS A 15 10.00 1.77 -2.38
C LYS A 15 8.74 0.92 -2.34
N LEU A 16 8.41 0.31 -3.47
CA LEU A 16 7.22 -0.55 -3.55
C LEU A 16 7.21 -1.55 -2.39
N ALA A 17 8.37 -2.11 -2.09
CA ALA A 17 8.47 -3.08 -1.00
C ALA A 17 7.93 -2.49 0.30
N PHE A 18 8.61 -1.48 0.81
CA PHE A 18 8.19 -0.84 2.05
C PHE A 18 6.67 -0.68 2.09
N LEU A 19 6.07 -0.48 0.92
CA LEU A 19 4.63 -0.32 0.83
C LEU A 19 3.91 -1.57 1.32
N LYS A 20 4.37 -2.73 0.85
CA LYS A 20 3.77 -3.99 1.25
C LYS A 20 3.86 -4.17 2.77
N ARG A 21 4.86 -3.53 3.38
CA ARG A 21 5.04 -3.62 4.81
C ARG A 21 3.94 -2.86 5.55
N GLU A 22 3.76 -1.60 5.18
CA GLU A 22 2.74 -0.77 5.81
C GLU A 22 1.36 -1.40 5.65
N TYR A 23 1.12 -2.01 4.49
CA TYR A 23 -0.16 -2.65 4.22
C TYR A 23 -0.43 -3.75 5.26
N SER A 24 0.55 -4.64 5.44
CA SER A 24 0.40 -5.73 6.40
C SER A 24 -0.04 -5.19 7.76
N LYS A 25 0.64 -4.15 8.22
CA LYS A 25 0.32 -3.55 9.51
C LYS A 25 -1.12 -3.05 9.53
N THR A 26 -1.55 -2.46 8.41
CA THR A 26 -2.91 -1.95 8.31
C THR A 26 -3.93 -3.08 8.49
N LEU A 27 -3.79 -4.13 7.68
CA LEU A 27 -4.70 -5.27 7.75
C LEU A 27 -4.66 -5.89 9.14
N ALA A 28 -3.45 -6.09 9.66
CA ALA A 28 -3.29 -6.67 10.99
C ALA A 28 -4.36 -6.14 11.94
N ARG A 29 -4.46 -4.83 12.04
CA ARG A 29 -5.45 -4.20 12.91
C ARG A 29 -6.85 -4.70 12.56
N LEU A 30 -7.20 -4.61 11.28
CA LEU A 30 -8.51 -5.05 10.82
C LEU A 30 -8.79 -6.47 11.30
N GLN A 31 -7.84 -7.37 11.07
CA GLN A 31 -8.00 -8.76 11.49
C GLN A 31 -8.22 -8.86 12.99
N ARG A 32 -7.53 -7.99 13.74
CA ARG A 32 -7.66 -7.98 15.19
C ARG A 32 -8.89 -7.20 15.62
N ALA A 33 -9.36 -6.32 14.74
CA ALA A 33 -10.54 -5.52 15.04
C ALA A 33 -11.81 -6.35 14.90
N GLN A 34 -11.73 -7.41 14.10
CA GLN A 34 -12.89 -8.29 13.89
C GLN A 34 -12.89 -9.42 14.90
N ARG A 35 -11.69 -9.78 15.38
CA ARG A 35 -11.57 -10.86 16.34
C ARG A 35 -12.46 -10.60 17.55
N ALA A 36 -12.89 -9.35 17.71
CA ALA A 36 -13.75 -8.98 18.83
C ALA A 36 -13.00 -9.13 20.15
N GLY B 1 -9.48 -5.06 24.14
CA GLY B 1 -10.86 -5.57 24.24
C GLY B 1 -11.84 -4.47 23.83
N LYS B 2 -11.86 -4.15 22.53
CA LYS B 2 -12.75 -3.13 22.03
C LYS B 2 -12.60 -2.98 20.51
N PRO B 3 -13.37 -3.72 19.76
CA PRO B 3 -13.33 -3.68 18.28
C PRO B 3 -13.98 -2.41 17.72
N LEU B 4 -14.06 -2.34 16.39
CA LEU B 4 -14.66 -1.18 15.74
C LEU B 4 -16.11 -1.46 15.37
N SER B 5 -16.87 -0.40 15.15
CA SER B 5 -18.28 -0.54 14.78
C SER B 5 -18.44 -0.79 13.29
N CYS B 6 -19.58 -1.34 12.91
CA CYS B 6 -19.85 -1.63 11.50
C CYS B 6 -19.50 -0.43 10.63
N GLU B 7 -19.98 0.75 11.04
CA GLU B 7 -19.71 1.97 10.28
C GLU B 7 -18.23 2.30 10.30
N GLU B 8 -17.66 2.40 11.50
CA GLU B 8 -16.24 2.70 11.65
C GLU B 8 -15.40 1.77 10.77
N LYS B 9 -15.75 0.49 10.79
CA LYS B 9 -15.03 -0.50 9.99
C LYS B 9 -14.98 -0.08 8.52
N GLU B 10 -16.15 0.17 7.95
CA GLU B 10 -16.23 0.57 6.55
C GLU B 10 -15.13 1.59 6.22
N LYS B 11 -14.95 2.56 7.10
CA LYS B 11 -13.92 3.58 6.91
C LYS B 11 -12.57 2.94 6.68
N LEU B 12 -12.19 2.03 7.57
CA LEU B 12 -10.91 1.34 7.45
C LEU B 12 -10.93 0.37 6.28
N LYS B 13 -11.93 -0.50 6.25
CA LYS B 13 -12.07 -1.48 5.17
C LYS B 13 -11.88 -0.80 3.81
N GLU B 14 -12.76 0.15 3.51
CA GLU B 14 -12.68 0.86 2.24
C GLU B 14 -11.31 1.50 2.06
N LYS B 15 -10.75 1.99 3.16
CA LYS B 15 -9.44 2.62 3.12
C LYS B 15 -8.37 1.63 2.68
N LEU B 16 -8.29 0.51 3.40
CA LEU B 16 -7.30 -0.51 3.09
C LEU B 16 -7.32 -0.84 1.59
N ALA B 17 -8.52 -1.06 1.07
CA ALA B 17 -8.67 -1.37 -0.35
C ALA B 17 -7.88 -0.38 -1.20
N PHE B 18 -8.00 0.90 -0.87
CA PHE B 18 -7.29 1.94 -1.62
C PHE B 18 -5.80 1.64 -1.65
N LEU B 19 -5.25 1.21 -0.53
CA LEU B 19 -3.83 0.89 -0.45
C LEU B 19 -3.47 -0.20 -1.44
N LYS B 20 -4.29 -1.23 -1.52
CA LYS B 20 -4.04 -2.34 -2.44
C LYS B 20 -4.13 -1.86 -3.88
N ARG B 21 -5.15 -1.05 -4.17
CA ARG B 21 -5.34 -0.53 -5.52
C ARG B 21 -4.10 0.24 -5.97
N GLU B 22 -3.55 1.04 -5.07
CA GLU B 22 -2.35 1.82 -5.38
C GLU B 22 -1.19 0.91 -5.73
N TYR B 23 -0.93 -0.07 -4.87
CA TYR B 23 0.16 -1.02 -5.11
C TYR B 23 0.16 -1.49 -6.56
N SER B 24 -0.94 -2.13 -6.96
CA SER B 24 -1.05 -2.63 -8.33
C SER B 24 -0.51 -1.60 -9.32
N LYS B 25 -0.93 -0.35 -9.14
CA LYS B 25 -0.49 0.73 -10.03
C LYS B 25 1.04 0.83 -10.03
N THR B 26 1.63 0.84 -8.85
CA THR B 26 3.07 0.92 -8.72
C THR B 26 3.74 -0.22 -9.49
N LEU B 27 3.35 -1.45 -9.18
CA LEU B 27 3.92 -2.61 -9.86
C LEU B 27 3.87 -2.43 -11.37
N ALA B 28 2.84 -1.74 -11.84
CA ALA B 28 2.68 -1.51 -13.27
C ALA B 28 3.90 -0.78 -13.83
N ARG B 29 4.28 0.31 -13.16
CA ARG B 29 5.44 1.09 -13.60
C ARG B 29 6.67 0.20 -13.73
N LEU B 30 7.11 -0.36 -12.61
CA LEU B 30 8.28 -1.23 -12.61
C LEU B 30 8.12 -2.34 -13.64
N GLN B 31 6.92 -2.91 -13.71
CA GLN B 31 6.65 -3.98 -14.67
C GLN B 31 6.69 -3.45 -16.09
N ARG B 32 6.29 -2.19 -16.26
CA ARG B 32 6.28 -1.57 -17.58
C ARG B 32 7.71 -1.29 -18.04
N ALA B 33 8.63 -1.18 -17.09
CA ALA B 33 10.02 -0.92 -17.42
C ALA B 33 10.67 -2.15 -18.05
N GLN B 34 10.42 -3.31 -17.45
CA GLN B 34 10.98 -4.56 -17.96
C GLN B 34 10.35 -4.92 -19.30
N ARG B 35 9.08 -4.58 -19.45
CA ARG B 35 8.37 -4.88 -20.70
C ARG B 35 9.20 -4.46 -21.90
N ALA B 36 9.74 -3.25 -21.86
CA ALA B 36 10.56 -2.74 -22.95
C ALA B 36 11.03 -1.32 -22.66
N GLY A 1 8.65 9.86 -8.95
CA GLY A 1 8.34 11.26 -9.36
C GLY A 1 8.45 11.38 -10.87
N LYS A 2 8.58 12.61 -11.36
CA LYS A 2 8.69 12.84 -12.79
C LYS A 2 10.02 12.31 -13.32
N PRO A 3 11.11 12.85 -12.84
CA PRO A 3 12.47 12.42 -13.27
C PRO A 3 12.86 11.05 -12.70
N LEU A 4 13.33 10.17 -13.57
CA LEU A 4 13.72 8.83 -13.15
C LEU A 4 15.21 8.61 -13.41
N SER A 5 15.91 8.09 -12.41
CA SER A 5 17.34 7.83 -12.53
C SER A 5 17.77 6.70 -11.61
N CYS A 6 19.04 6.32 -11.68
CA CYS A 6 19.57 5.26 -10.84
C CYS A 6 19.00 5.35 -9.43
N GLU A 7 18.79 6.57 -8.96
CA GLU A 7 18.24 6.79 -7.62
C GLU A 7 16.78 6.34 -7.56
N GLU A 8 15.93 6.98 -8.36
CA GLU A 8 14.51 6.64 -8.39
C GLU A 8 14.34 5.13 -8.53
N LYS A 9 15.08 4.54 -9.46
CA LYS A 9 14.99 3.10 -9.69
C LYS A 9 15.12 2.34 -8.37
N GLU A 10 16.27 2.48 -7.72
CA GLU A 10 16.50 1.80 -6.45
C GLU A 10 15.42 2.17 -5.43
N LYS A 11 15.00 3.42 -5.47
CA LYS A 11 13.98 3.91 -4.55
C LYS A 11 12.66 3.16 -4.78
N LEU A 12 12.26 3.03 -6.03
CA LEU A 12 11.02 2.34 -6.37
C LEU A 12 11.04 0.91 -5.82
N LYS A 13 12.12 0.19 -6.11
CA LYS A 13 12.25 -1.18 -5.64
C LYS A 13 11.95 -1.27 -4.16
N GLU A 14 12.64 -0.47 -3.37
CA GLU A 14 12.44 -0.46 -1.92
C GLU A 14 10.99 -0.10 -1.59
N LYS A 15 10.56 1.07 -2.03
CA LYS A 15 9.20 1.52 -1.78
C LYS A 15 8.22 0.36 -1.91
N LEU A 16 8.12 -0.20 -3.12
CA LEU A 16 7.22 -1.32 -3.36
C LEU A 16 7.29 -2.33 -2.22
N ALA A 17 8.51 -2.76 -1.90
CA ALA A 17 8.70 -3.73 -0.83
C ALA A 17 8.15 -3.19 0.49
N PHE A 18 8.17 -1.87 0.62
CA PHE A 18 7.67 -1.23 1.84
C PHE A 18 6.14 -1.17 1.82
N LEU A 19 5.58 -0.89 0.64
CA LEU A 19 4.13 -0.81 0.50
C LEU A 19 3.46 -2.06 1.05
N LYS A 20 3.94 -3.22 0.62
CA LYS A 20 3.38 -4.48 1.08
C LYS A 20 3.55 -4.63 2.59
N ARG A 21 4.78 -4.45 3.06
CA ARG A 21 5.07 -4.57 4.48
C ARG A 21 4.11 -3.70 5.29
N GLU A 22 3.84 -2.50 4.79
CA GLU A 22 2.94 -1.58 5.47
C GLU A 22 1.51 -2.13 5.47
N TYR A 23 1.09 -2.65 4.32
CA TYR A 23 -0.25 -3.20 4.19
C TYR A 23 -0.58 -4.11 5.38
N SER A 24 0.39 -4.93 5.76
CA SER A 24 0.20 -5.84 6.88
C SER A 24 0.09 -5.07 8.19
N LYS A 25 0.91 -4.03 8.34
CA LYS A 25 0.90 -3.22 9.54
C LYS A 25 -0.42 -2.46 9.65
N THR A 26 -0.85 -1.87 8.55
CA THR A 26 -2.10 -1.12 8.54
C THR A 26 -3.28 -2.01 8.91
N LEU A 27 -3.37 -3.16 8.24
CA LEU A 27 -4.45 -4.10 8.51
C LEU A 27 -4.39 -4.60 9.95
N ALA A 28 -3.18 -4.75 10.48
CA ALA A 28 -2.99 -5.21 11.84
C ALA A 28 -3.85 -4.40 12.80
N ARG A 29 -3.73 -3.08 12.73
CA ARG A 29 -4.50 -2.20 13.59
C ARG A 29 -5.99 -2.37 13.35
N LEU A 30 -6.36 -2.60 12.09
CA LEU A 30 -7.76 -2.79 11.73
C LEU A 30 -8.32 -4.07 12.37
N GLN A 31 -7.60 -5.17 12.19
CA GLN A 31 -8.04 -6.45 12.76
C GLN A 31 -8.28 -6.31 14.26
N ARG A 32 -7.50 -5.44 14.90
CA ARG A 32 -7.65 -5.22 16.35
C ARG A 32 -8.77 -4.22 16.63
N ALA A 33 -8.82 -3.16 15.83
CA ALA A 33 -9.83 -2.14 16.01
C ALA A 33 -11.23 -2.74 15.90
N GLN A 34 -11.33 -3.83 15.16
CA GLN A 34 -12.62 -4.51 14.98
C GLN A 34 -13.11 -5.09 16.31
N ARG A 35 -12.21 -5.79 17.01
CA ARG A 35 -12.56 -6.40 18.28
C ARG A 35 -12.85 -5.32 19.33
N ALA A 36 -11.96 -4.34 19.42
CA ALA A 36 -12.14 -3.26 20.38
C ALA A 36 -11.88 -3.75 21.80
N GLY B 1 -20.53 0.26 22.50
CA GLY B 1 -21.21 -0.10 21.22
C GLY B 1 -20.18 -0.62 20.21
N LYS B 2 -19.92 0.16 19.18
CA LYS B 2 -18.95 -0.23 18.16
C LYS B 2 -17.54 0.17 18.59
N PRO B 3 -16.55 -0.56 18.12
CA PRO B 3 -15.13 -0.28 18.45
C PRO B 3 -14.76 1.19 18.24
N LEU B 4 -13.47 1.45 18.05
CA LEU B 4 -13.00 2.82 17.85
C LEU B 4 -14.02 3.62 17.05
N SER B 5 -13.91 4.95 17.11
CA SER B 5 -14.83 5.81 16.38
C SER B 5 -15.10 5.26 14.99
N CYS B 6 -16.33 4.77 14.77
CA CYS B 6 -16.71 4.22 13.48
C CYS B 6 -16.05 5.00 12.34
N GLU B 7 -15.95 6.31 12.52
CA GLU B 7 -15.33 7.17 11.51
C GLU B 7 -13.98 6.62 11.10
N GLU B 8 -13.14 6.33 12.08
CA GLU B 8 -11.80 5.79 11.81
C GLU B 8 -11.90 4.43 11.15
N LYS B 9 -12.63 3.51 11.78
CA LYS B 9 -12.80 2.17 11.24
C LYS B 9 -13.22 2.23 9.78
N GLU B 10 -14.22 3.06 9.49
CA GLU B 10 -14.71 3.21 8.12
C GLU B 10 -13.63 3.79 7.22
N LYS B 11 -13.06 4.91 7.64
CA LYS B 11 -12.02 5.57 6.87
C LYS B 11 -10.91 4.58 6.51
N LEU B 12 -10.28 4.01 7.54
CA LEU B 12 -9.21 3.05 7.33
C LEU B 12 -9.65 1.96 6.37
N LYS B 13 -10.77 1.31 6.68
CA LYS B 13 -11.29 0.25 5.83
C LYS B 13 -11.16 0.63 4.36
N GLU B 14 -11.77 1.75 3.98
CA GLU B 14 -11.71 2.20 2.60
C GLU B 14 -10.27 2.45 2.18
N LYS B 15 -9.49 3.07 3.06
CA LYS B 15 -8.10 3.36 2.78
C LYS B 15 -7.34 2.07 2.42
N LEU B 16 -7.53 1.04 3.23
CA LEU B 16 -6.87 -0.24 3.00
C LEU B 16 -7.13 -0.72 1.57
N ALA B 17 -8.40 -0.80 1.20
CA ALA B 17 -8.77 -1.24 -0.14
C ALA B 17 -7.93 -0.52 -1.19
N PHE B 18 -7.80 0.79 -1.04
CA PHE B 18 -7.02 1.58 -1.99
C PHE B 18 -5.57 1.12 -2.00
N LEU B 19 -5.04 0.82 -0.82
CA LEU B 19 -3.65 0.38 -0.72
C LEU B 19 -3.37 -0.74 -1.72
N LYS B 20 -4.22 -1.76 -1.71
CA LYS B 20 -4.06 -2.89 -2.62
C LYS B 20 -4.16 -2.43 -4.07
N ARG B 21 -5.19 -1.63 -4.35
CA ARG B 21 -5.40 -1.13 -5.71
C ARG B 21 -4.18 -0.33 -6.18
N GLU B 22 -3.57 0.39 -5.24
CA GLU B 22 -2.40 1.20 -5.57
C GLU B 22 -1.24 0.31 -6.00
N TYR B 23 -0.96 -0.72 -5.20
CA TYR B 23 0.13 -1.64 -5.51
C TYR B 23 0.11 -2.01 -6.99
N SER B 24 -0.99 -2.63 -7.42
CA SER B 24 -1.12 -3.04 -8.81
C SER B 24 -0.67 -1.91 -9.75
N LYS B 25 -1.13 -0.69 -9.45
CA LYS B 25 -0.77 0.46 -10.27
C LYS B 25 0.72 0.77 -10.13
N THR B 26 1.23 0.68 -8.91
CA THR B 26 2.64 0.95 -8.66
C THR B 26 3.52 -0.01 -9.46
N LEU B 27 3.19 -1.29 -9.39
CA LEU B 27 3.96 -2.29 -10.12
C LEU B 27 3.94 -2.02 -11.62
N ALA B 28 2.81 -1.52 -12.10
CA ALA B 28 2.67 -1.21 -13.53
C ALA B 28 3.74 -0.20 -13.96
N ARG B 29 4.06 0.73 -13.07
CA ARG B 29 5.06 1.74 -13.37
C ARG B 29 6.43 1.11 -13.53
N LEU B 30 6.87 0.40 -12.49
CA LEU B 30 8.18 -0.26 -12.54
C LEU B 30 8.35 -1.04 -13.83
N GLN B 31 7.30 -1.74 -14.23
CA GLN B 31 7.35 -2.53 -15.46
C GLN B 31 7.87 -1.69 -16.62
N ARG B 32 7.14 -0.62 -16.94
CA ARG B 32 7.54 0.25 -18.04
C ARG B 32 9.04 0.50 -18.00
N ALA B 33 9.51 1.07 -16.90
CA ALA B 33 10.93 1.36 -16.75
C ALA B 33 11.77 0.18 -17.22
N GLN B 34 11.32 -1.03 -16.89
CA GLN B 34 12.04 -2.23 -17.28
C GLN B 34 11.89 -2.48 -18.79
N ARG B 35 10.74 -2.10 -19.34
CA ARG B 35 10.50 -2.28 -20.76
C ARG B 35 11.58 -1.59 -21.59
N ALA B 36 11.95 -0.38 -21.17
CA ALA B 36 12.98 0.37 -21.88
C ALA B 36 14.36 -0.21 -21.61
N GLY A 1 12.28 18.42 -7.38
CA GLY A 1 12.97 18.13 -8.68
C GLY A 1 13.13 16.62 -8.84
N LYS A 2 14.37 16.20 -9.10
CA LYS A 2 14.64 14.77 -9.27
C LYS A 2 13.48 14.08 -9.97
N PRO A 3 13.30 14.35 -11.23
CA PRO A 3 12.20 13.75 -12.04
C PRO A 3 12.46 12.28 -12.35
N LEU A 4 11.39 11.52 -12.56
CA LEU A 4 11.52 10.10 -12.88
C LEU A 4 12.79 9.84 -13.67
N SER A 5 13.64 8.96 -13.15
CA SER A 5 14.89 8.63 -13.83
C SER A 5 15.55 7.42 -13.17
N CYS A 6 16.87 7.45 -13.08
CA CYS A 6 17.61 6.35 -12.46
C CYS A 6 17.42 6.34 -10.95
N GLU A 7 17.62 7.51 -10.34
CA GLU A 7 17.46 7.62 -8.89
C GLU A 7 16.06 7.22 -8.46
N GLU A 8 15.05 7.81 -9.11
CA GLU A 8 13.66 7.50 -8.79
C GLU A 8 13.42 5.99 -8.86
N LYS A 9 14.03 5.35 -9.85
CA LYS A 9 13.88 3.91 -10.03
C LYS A 9 14.18 3.18 -8.71
N GLU A 10 15.30 3.52 -8.09
CA GLU A 10 15.69 2.89 -6.84
C GLU A 10 14.59 3.06 -5.79
N LYS A 11 13.98 4.23 -5.78
CA LYS A 11 12.91 4.52 -4.82
C LYS A 11 11.70 3.62 -5.08
N LEU A 12 11.42 3.38 -6.36
CA LEU A 12 10.29 2.53 -6.73
C LEU A 12 10.48 1.12 -6.21
N LYS A 13 11.70 0.61 -6.32
CA LYS A 13 12.00 -0.74 -5.85
C LYS A 13 11.83 -0.83 -4.34
N GLU A 14 12.64 -0.05 -3.63
CA GLU A 14 12.58 -0.04 -2.17
C GLU A 14 11.19 0.32 -1.68
N LYS A 15 10.48 1.12 -2.48
CA LYS A 15 9.13 1.54 -2.14
C LYS A 15 8.18 0.34 -2.14
N LEU A 16 7.98 -0.24 -3.32
CA LEU A 16 7.09 -1.40 -3.45
C LEU A 16 7.27 -2.35 -2.26
N ALA A 17 8.52 -2.58 -1.89
CA ALA A 17 8.82 -3.48 -0.77
C ALA A 17 8.27 -2.90 0.52
N PHE A 18 8.38 -1.59 0.68
CA PHE A 18 7.90 -0.92 1.89
C PHE A 18 6.38 -0.80 1.85
N LEU A 19 5.81 -0.86 0.65
CA LEU A 19 4.37 -0.75 0.49
C LEU A 19 3.66 -1.93 1.15
N LYS A 20 4.11 -3.14 0.83
CA LYS A 20 3.50 -4.34 1.40
C LYS A 20 3.70 -4.36 2.91
N ARG A 21 4.93 -4.21 3.35
CA ARG A 21 5.24 -4.22 4.79
C ARG A 21 4.23 -3.36 5.54
N GLU A 22 3.90 -2.20 4.97
CA GLU A 22 2.95 -1.29 5.60
C GLU A 22 1.55 -1.89 5.57
N TYR A 23 1.14 -2.36 4.40
CA TYR A 23 -0.19 -2.95 4.24
C TYR A 23 -0.44 -3.97 5.35
N SER A 24 0.39 -5.02 5.40
CA SER A 24 0.24 -6.05 6.41
C SER A 24 -0.03 -5.43 7.78
N LYS A 25 0.74 -4.41 8.12
CA LYS A 25 0.58 -3.72 9.41
C LYS A 25 -0.79 -3.05 9.48
N THR A 26 -1.16 -2.38 8.40
CA THR A 26 -2.45 -1.69 8.35
C THR A 26 -3.59 -2.67 8.57
N LEU A 27 -3.58 -3.77 7.82
CA LEU A 27 -4.61 -4.79 7.94
C LEU A 27 -4.68 -5.30 9.38
N ALA A 28 -3.52 -5.64 9.94
CA ALA A 28 -3.46 -6.15 11.30
C ALA A 28 -4.44 -5.40 12.20
N ARG A 29 -4.29 -4.07 12.26
CA ARG A 29 -5.16 -3.26 13.08
C ARG A 29 -6.63 -3.51 12.71
N LEU A 30 -6.93 -3.40 11.43
CA LEU A 30 -8.29 -3.62 10.96
C LEU A 30 -8.87 -4.89 11.56
N GLN A 31 -8.07 -5.95 11.59
CA GLN A 31 -8.51 -7.22 12.14
C GLN A 31 -8.95 -7.05 13.60
N ARG A 32 -8.04 -6.53 14.43
CA ARG A 32 -8.34 -6.32 15.84
C ARG A 32 -9.65 -5.56 15.99
N ALA A 33 -9.70 -4.36 15.44
CA ALA A 33 -10.90 -3.53 15.52
C ALA A 33 -12.14 -4.34 15.16
N GLN A 34 -12.12 -4.96 13.98
CA GLN A 34 -13.25 -5.77 13.53
C GLN A 34 -13.38 -7.02 14.38
N ARG A 35 -12.27 -7.45 14.99
CA ARG A 35 -12.28 -8.64 15.83
C ARG A 35 -13.36 -8.54 16.89
N ALA A 36 -13.42 -7.41 17.58
CA ALA A 36 -14.41 -7.21 18.62
C ALA A 36 -14.39 -8.36 19.62
N GLY B 1 -23.69 -4.14 20.43
CA GLY B 1 -22.31 -3.57 20.42
C GLY B 1 -21.91 -3.24 18.98
N LYS B 2 -20.66 -2.87 18.78
CA LYS B 2 -20.16 -2.54 17.45
C LYS B 2 -18.72 -2.03 17.52
N PRO B 3 -17.92 -2.39 16.55
CA PRO B 3 -16.50 -1.97 16.49
C PRO B 3 -16.34 -0.49 16.14
N LEU B 4 -16.20 0.35 17.16
CA LEU B 4 -16.04 1.78 16.95
C LEU B 4 -17.20 2.33 16.12
N SER B 5 -17.02 3.53 15.58
CA SER B 5 -18.05 4.15 14.77
C SER B 5 -17.90 3.77 13.31
N CYS B 6 -19.02 3.72 12.59
CA CYS B 6 -19.00 3.36 11.17
C CYS B 6 -18.17 4.36 10.38
N GLU B 7 -18.18 5.61 10.81
CA GLU B 7 -17.43 6.66 10.13
C GLU B 7 -15.93 6.41 10.26
N GLU B 8 -15.52 5.92 11.42
CA GLU B 8 -14.10 5.64 11.67
C GLU B 8 -13.67 4.40 10.90
N LYS B 9 -14.40 3.30 11.09
CA LYS B 9 -14.09 2.05 10.42
C LYS B 9 -14.02 2.26 8.91
N GLU B 10 -15.13 2.70 8.33
CA GLU B 10 -15.19 2.94 6.90
C GLU B 10 -13.97 3.73 6.43
N LYS B 11 -13.60 4.76 7.20
CA LYS B 11 -12.45 5.57 6.85
C LYS B 11 -11.20 4.71 6.72
N LEU B 12 -11.05 3.75 7.64
CA LEU B 12 -9.89 2.86 7.61
C LEU B 12 -10.06 1.81 6.53
N LYS B 13 -11.18 1.10 6.57
CA LYS B 13 -11.44 0.05 5.58
C LYS B 13 -11.22 0.58 4.17
N GLU B 14 -11.81 1.74 3.87
CA GLU B 14 -11.66 2.34 2.55
C GLU B 14 -10.20 2.65 2.27
N LYS B 15 -9.52 3.23 3.24
CA LYS B 15 -8.11 3.58 3.07
C LYS B 15 -7.29 2.34 2.70
N LEU B 16 -7.30 1.35 3.57
CA LEU B 16 -6.56 0.11 3.32
C LEU B 16 -6.85 -0.41 1.92
N ALA B 17 -8.11 -0.34 1.52
CA ALA B 17 -8.51 -0.81 0.20
C ALA B 17 -7.71 -0.10 -0.89
N PHE B 18 -7.47 1.19 -0.70
CA PHE B 18 -6.72 1.98 -1.67
C PHE B 18 -5.26 1.52 -1.71
N LEU B 19 -4.78 1.02 -0.58
CA LEU B 19 -3.39 0.55 -0.49
C LEU B 19 -3.16 -0.61 -1.46
N LYS B 20 -4.15 -1.51 -1.55
CA LYS B 20 -4.04 -2.66 -2.45
C LYS B 20 -4.11 -2.21 -3.90
N ARG B 21 -5.11 -1.38 -4.21
CA ARG B 21 -5.27 -0.89 -5.57
C ARG B 21 -4.01 -0.19 -6.05
N GLU B 22 -3.43 0.63 -5.18
CA GLU B 22 -2.22 1.35 -5.52
C GLU B 22 -1.11 0.39 -5.92
N TYR B 23 -0.90 -0.64 -5.10
CA TYR B 23 0.13 -1.63 -5.38
C TYR B 23 0.12 -2.02 -6.86
N SER B 24 -1.03 -2.48 -7.33
CA SER B 24 -1.17 -2.88 -8.73
C SER B 24 -0.72 -1.75 -9.65
N LYS B 25 -0.92 -0.52 -9.22
CA LYS B 25 -0.54 0.63 -10.01
C LYS B 25 0.99 0.78 -10.04
N THR B 26 1.62 0.64 -8.88
CA THR B 26 3.06 0.76 -8.79
C THR B 26 3.74 -0.29 -9.66
N LEU B 27 3.35 -1.54 -9.49
CA LEU B 27 3.93 -2.63 -10.27
C LEU B 27 3.78 -2.35 -11.76
N ALA B 28 2.66 -1.73 -12.14
CA ALA B 28 2.42 -1.42 -13.54
C ALA B 28 3.56 -0.60 -14.12
N ARG B 29 3.98 0.43 -13.40
CA ARG B 29 5.07 1.28 -13.86
C ARG B 29 6.37 0.49 -13.93
N LEU B 30 6.56 -0.40 -12.97
CA LEU B 30 7.77 -1.23 -12.94
C LEU B 30 7.87 -2.09 -14.19
N GLN B 31 6.72 -2.63 -14.62
CA GLN B 31 6.69 -3.48 -15.81
C GLN B 31 7.24 -2.73 -17.01
N ARG B 32 6.79 -1.51 -17.21
CA ARG B 32 7.24 -0.70 -18.33
C ARG B 32 8.70 -0.29 -18.14
N ALA B 33 9.03 0.12 -16.92
CA ALA B 33 10.40 0.54 -16.62
C ALA B 33 11.37 -0.62 -16.79
N GLN B 34 10.89 -1.83 -16.55
CA GLN B 34 11.73 -3.02 -16.69
C GLN B 34 11.72 -3.51 -18.14
N ARG B 35 10.58 -3.35 -18.80
CA ARG B 35 10.45 -3.79 -20.18
C ARG B 35 11.36 -2.97 -21.09
N ALA B 36 11.87 -1.86 -20.56
CA ALA B 36 12.75 -0.99 -21.34
C ALA B 36 13.88 -1.80 -21.98
N GLY A 1 15.09 14.62 -4.01
CA GLY A 1 14.58 15.30 -5.23
C GLY A 1 15.43 14.88 -6.44
N LYS A 2 15.09 13.74 -7.02
CA LYS A 2 15.83 13.24 -8.18
C LYS A 2 14.87 12.78 -9.27
N PRO A 3 15.27 12.92 -10.50
CA PRO A 3 14.43 12.51 -11.67
C PRO A 3 14.33 11.00 -11.82
N LEU A 4 14.06 10.54 -13.04
CA LEU A 4 13.95 9.10 -13.29
C LEU A 4 15.16 8.60 -14.06
N SER A 5 16.08 7.95 -13.35
CA SER A 5 17.28 7.42 -13.98
C SER A 5 17.53 5.98 -13.54
N CYS A 6 18.76 5.51 -13.73
CA CYS A 6 19.11 4.14 -13.35
C CYS A 6 19.02 3.97 -11.83
N GLU A 7 19.82 4.74 -11.11
CA GLU A 7 19.82 4.66 -9.65
C GLU A 7 18.40 4.75 -9.11
N GLU A 8 17.61 5.63 -9.69
CA GLU A 8 16.22 5.79 -9.25
C GLU A 8 15.46 4.48 -9.37
N LYS A 9 15.57 3.84 -10.53
CA LYS A 9 14.88 2.58 -10.76
C LYS A 9 15.04 1.66 -9.56
N GLU A 10 16.27 1.53 -9.06
CA GLU A 10 16.53 0.69 -7.91
C GLU A 10 15.68 1.11 -6.72
N LYS A 11 15.55 2.41 -6.52
CA LYS A 11 14.76 2.94 -5.42
C LYS A 11 13.33 2.40 -5.49
N LEU A 12 12.81 2.26 -6.70
CA LEU A 12 11.45 1.75 -6.89
C LEU A 12 11.32 0.34 -6.31
N LYS A 13 12.30 -0.51 -6.63
CA LYS A 13 12.28 -1.88 -6.13
C LYS A 13 12.18 -1.90 -4.61
N GLU A 14 13.11 -1.20 -3.95
CA GLU A 14 13.12 -1.16 -2.50
C GLU A 14 11.89 -0.41 -1.98
N LYS A 15 11.47 0.61 -2.72
CA LYS A 15 10.30 1.39 -2.33
C LYS A 15 9.06 0.51 -2.26
N LEU A 16 8.72 -0.12 -3.38
CA LEU A 16 7.55 -0.99 -3.43
C LEU A 16 7.54 -1.93 -2.23
N ALA A 17 8.68 -2.53 -1.94
CA ALA A 17 8.78 -3.45 -0.81
C ALA A 17 8.15 -2.84 0.43
N PHE A 18 8.49 -1.59 0.71
CA PHE A 18 7.97 -0.90 1.89
C PHE A 18 6.45 -0.80 1.80
N LEU A 19 5.94 -0.66 0.57
CA LEU A 19 4.49 -0.55 0.38
C LEU A 19 3.77 -1.75 0.98
N LYS A 20 4.29 -2.94 0.69
CA LYS A 20 3.69 -4.17 1.20
C LYS A 20 3.80 -4.23 2.73
N ARG A 21 4.83 -3.57 3.25
CA ARG A 21 5.04 -3.56 4.70
C ARG A 21 4.01 -2.68 5.39
N GLU A 22 3.87 -1.45 4.91
CA GLU A 22 2.91 -0.51 5.49
C GLU A 22 1.51 -1.12 5.46
N TYR A 23 1.19 -1.84 4.39
CA TYR A 23 -0.12 -2.45 4.26
C TYR A 23 -0.33 -3.51 5.35
N SER A 24 0.75 -4.18 5.72
CA SER A 24 0.68 -5.21 6.75
C SER A 24 0.17 -4.62 8.06
N LYS A 25 0.74 -3.48 8.46
CA LYS A 25 0.34 -2.83 9.70
C LYS A 25 -1.14 -2.45 9.64
N THR A 26 -1.57 -1.89 8.52
CA THR A 26 -2.96 -1.49 8.36
C THR A 26 -3.86 -2.71 8.32
N LEU A 27 -3.51 -3.69 7.49
CA LEU A 27 -4.30 -4.91 7.38
C LEU A 27 -4.38 -5.63 8.73
N ALA A 28 -3.22 -5.88 9.33
CA ALA A 28 -3.17 -6.55 10.62
C ALA A 28 -4.30 -6.07 11.52
N ARG A 29 -4.44 -4.75 11.63
CA ARG A 29 -5.49 -4.17 12.46
C ARG A 29 -6.86 -4.49 11.89
N LEU A 30 -7.01 -4.32 10.58
CA LEU A 30 -8.27 -4.59 9.92
C LEU A 30 -8.73 -6.01 10.19
N GLN A 31 -7.77 -6.90 10.47
CA GLN A 31 -8.08 -8.29 10.75
C GLN A 31 -8.47 -8.46 12.22
N ARG A 32 -7.80 -7.71 13.09
CA ARG A 32 -8.08 -7.79 14.52
C ARG A 32 -9.28 -6.90 14.89
N ALA A 33 -9.57 -5.94 14.02
CA ALA A 33 -10.69 -5.03 14.26
C ALA A 33 -12.00 -5.68 13.82
N GLN A 34 -11.98 -6.35 12.68
CA GLN A 34 -13.17 -7.01 12.16
C GLN A 34 -13.62 -8.12 13.11
N ARG A 35 -12.66 -8.88 13.61
CA ARG A 35 -12.96 -9.97 14.53
C ARG A 35 -13.58 -9.44 15.82
N ALA A 36 -12.95 -8.41 16.37
CA ALA A 36 -13.45 -7.82 17.61
C ALA A 36 -12.54 -6.67 18.06
N GLY B 1 -20.65 -2.22 20.11
CA GLY B 1 -19.71 -2.80 19.10
C GLY B 1 -18.29 -2.77 19.67
N LYS B 2 -17.84 -3.90 20.19
CA LYS B 2 -16.50 -3.99 20.76
C LYS B 2 -15.45 -3.50 19.75
N PRO B 3 -15.46 -4.07 18.58
CA PRO B 3 -14.51 -3.69 17.49
C PRO B 3 -14.83 -2.33 16.88
N LEU B 4 -14.75 -1.29 17.70
CA LEU B 4 -15.03 0.06 17.23
C LEU B 4 -16.46 0.16 16.70
N SER B 5 -16.81 1.31 16.15
CA SER B 5 -18.15 1.51 15.59
C SER B 5 -18.16 1.23 14.10
N CYS B 6 -19.25 0.63 13.63
CA CYS B 6 -19.37 0.31 12.21
C CYS B 6 -18.99 1.51 11.35
N GLU B 7 -19.18 2.71 11.90
CA GLU B 7 -18.85 3.93 11.18
C GLU B 7 -17.35 4.01 10.92
N GLU B 8 -16.56 3.75 11.95
CA GLU B 8 -15.10 3.80 11.81
C GLU B 8 -14.61 2.64 10.94
N LYS B 9 -15.13 1.45 11.21
CA LYS B 9 -14.75 0.27 10.45
C LYS B 9 -14.89 0.52 8.95
N GLU B 10 -15.91 1.29 8.58
CA GLU B 10 -16.14 1.60 7.18
C GLU B 10 -15.05 2.53 6.64
N LYS B 11 -14.64 3.49 7.47
CA LYS B 11 -13.60 4.43 7.07
C LYS B 11 -12.27 3.71 6.86
N LEU B 12 -11.99 2.74 7.73
CA LEU B 12 -10.75 1.98 7.64
C LEU B 12 -10.84 0.93 6.55
N LYS B 13 -11.84 0.05 6.67
CA LYS B 13 -12.03 -1.01 5.69
C LYS B 13 -11.87 -0.47 4.27
N GLU B 14 -12.39 0.74 4.04
CA GLU B 14 -12.28 1.36 2.74
C GLU B 14 -10.84 1.77 2.44
N LYS B 15 -10.29 2.64 3.29
CA LYS B 15 -8.92 3.10 3.11
C LYS B 15 -8.01 1.95 2.68
N LEU B 16 -7.96 0.91 3.52
CA LEU B 16 -7.13 -0.25 3.22
C LEU B 16 -7.32 -0.68 1.78
N ALA B 17 -8.58 -0.81 1.36
CA ALA B 17 -8.88 -1.22 0.00
C ALA B 17 -8.03 -0.44 -1.00
N PHE B 18 -7.78 0.83 -0.69
CA PHE B 18 -6.99 1.68 -1.57
C PHE B 18 -5.54 1.18 -1.62
N LEU B 19 -4.99 0.89 -0.46
CA LEU B 19 -3.60 0.41 -0.38
C LEU B 19 -3.35 -0.64 -1.47
N LYS B 20 -4.20 -1.66 -1.51
CA LYS B 20 -4.06 -2.72 -2.50
C LYS B 20 -4.23 -2.17 -3.91
N ARG B 21 -5.12 -1.19 -4.05
CA ARG B 21 -5.37 -0.57 -5.34
C ARG B 21 -4.12 0.13 -5.86
N GLU B 22 -3.46 0.87 -4.97
CA GLU B 22 -2.24 1.58 -5.34
C GLU B 22 -1.16 0.60 -5.80
N TYR B 23 -0.95 -0.44 -4.99
CA TYR B 23 0.06 -1.45 -5.33
C TYR B 23 -0.01 -1.80 -6.82
N SER B 24 -1.15 -2.28 -7.25
CA SER B 24 -1.33 -2.64 -8.66
C SER B 24 -0.79 -1.56 -9.57
N LYS B 25 -1.16 -0.31 -9.28
CA LYS B 25 -0.70 0.82 -10.07
C LYS B 25 0.82 0.92 -10.03
N THR B 26 1.38 0.80 -8.83
CA THR B 26 2.83 0.89 -8.66
C THR B 26 3.53 -0.22 -9.45
N LEU B 27 3.11 -1.46 -9.21
CA LEU B 27 3.70 -2.60 -9.90
C LEU B 27 3.74 -2.35 -11.40
N ALA B 28 2.63 -1.89 -11.95
CA ALA B 28 2.55 -1.62 -13.38
C ALA B 28 3.76 -0.81 -13.84
N ARG B 29 4.08 0.24 -13.11
CA ARG B 29 5.21 1.09 -13.45
C ARG B 29 6.49 0.25 -13.56
N LEU B 30 6.74 -0.56 -12.54
CA LEU B 30 7.93 -1.41 -12.52
C LEU B 30 7.99 -2.26 -13.79
N GLN B 31 6.86 -2.83 -14.17
CA GLN B 31 6.80 -3.67 -15.37
C GLN B 31 7.06 -2.84 -16.62
N ARG B 32 6.39 -1.69 -16.70
CA ARG B 32 6.55 -0.81 -17.86
C ARG B 32 8.02 -0.42 -18.02
N ALA B 33 8.70 -0.23 -16.90
CA ALA B 33 10.12 0.16 -16.92
C ALA B 33 10.99 -1.06 -17.22
N GLN B 34 10.47 -2.24 -16.89
CA GLN B 34 11.21 -3.48 -17.13
C GLN B 34 11.05 -3.94 -18.57
N ARG B 35 9.85 -3.78 -19.11
CA ARG B 35 9.59 -4.18 -20.49
C ARG B 35 10.38 -3.31 -21.46
N ALA B 36 10.32 -2.00 -21.25
CA ALA B 36 11.04 -1.07 -22.11
C ALA B 36 10.58 -1.21 -23.57
N GLY A 1 17.91 18.92 -13.63
CA GLY A 1 17.76 17.91 -14.73
C GLY A 1 18.11 16.53 -14.18
N LYS A 2 17.21 15.96 -13.40
CA LYS A 2 17.45 14.63 -12.82
C LYS A 2 16.16 13.81 -12.82
N PRO A 3 15.58 13.61 -13.98
CA PRO A 3 14.32 12.83 -14.13
C PRO A 3 14.53 11.33 -13.93
N LEU A 4 13.61 10.53 -14.44
CA LEU A 4 13.72 9.08 -14.30
C LEU A 4 15.11 8.60 -14.72
N SER A 5 15.93 8.27 -13.74
CA SER A 5 17.28 7.80 -14.02
C SER A 5 17.49 6.40 -13.42
N CYS A 6 18.68 5.85 -13.63
CA CYS A 6 19.00 4.53 -13.12
C CYS A 6 18.80 4.47 -11.61
N GLU A 7 19.21 5.53 -10.92
CA GLU A 7 19.06 5.60 -9.47
C GLU A 7 17.59 5.65 -9.08
N GLU A 8 16.82 6.46 -9.80
CA GLU A 8 15.39 6.58 -9.51
C GLU A 8 14.72 5.22 -9.55
N LYS A 9 15.15 4.36 -10.48
CA LYS A 9 14.58 3.04 -10.61
C LYS A 9 14.82 2.22 -9.34
N GLU A 10 16.06 2.25 -8.85
CA GLU A 10 16.40 1.50 -7.65
C GLU A 10 15.44 1.84 -6.52
N LYS A 11 15.22 3.14 -6.30
CA LYS A 11 14.32 3.58 -5.24
C LYS A 11 12.93 2.97 -5.43
N LEU A 12 12.43 3.03 -6.66
CA LEU A 12 11.12 2.49 -6.96
C LEU A 12 11.02 1.04 -6.50
N LYS A 13 12.04 0.25 -6.81
CA LYS A 13 12.05 -1.15 -6.42
C LYS A 13 11.99 -1.29 -4.90
N GLU A 14 13.03 -0.81 -4.22
CA GLU A 14 13.07 -0.88 -2.77
C GLU A 14 11.87 -0.17 -2.16
N LYS A 15 11.31 0.79 -2.90
CA LYS A 15 10.15 1.53 -2.42
C LYS A 15 8.94 0.61 -2.28
N LEU A 16 8.46 0.10 -3.41
CA LEU A 16 7.31 -0.79 -3.41
C LEU A 16 7.47 -1.86 -2.34
N ALA A 17 8.68 -2.37 -2.19
CA ALA A 17 8.95 -3.40 -1.19
C ALA A 17 8.35 -3.01 0.16
N PHE A 18 8.82 -1.89 0.71
CA PHE A 18 8.32 -1.43 2.00
C PHE A 18 6.83 -1.14 1.92
N LEU A 19 6.37 -0.74 0.75
CA LEU A 19 4.96 -0.43 0.55
C LEU A 19 4.09 -1.64 0.92
N LYS A 20 4.52 -2.82 0.50
CA LYS A 20 3.77 -4.03 0.81
C LYS A 20 3.81 -4.34 2.30
N ARG A 21 5.00 -4.32 2.87
CA ARG A 21 5.16 -4.59 4.30
C ARG A 21 4.23 -3.69 5.11
N GLU A 22 4.28 -2.39 4.84
CA GLU A 22 3.44 -1.43 5.55
C GLU A 22 1.99 -1.89 5.54
N TYR A 23 1.44 -2.10 4.34
CA TYR A 23 0.06 -2.54 4.21
C TYR A 23 -0.26 -3.63 5.22
N SER A 24 0.53 -4.70 5.18
CA SER A 24 0.31 -5.82 6.11
C SER A 24 -0.05 -5.30 7.50
N LYS A 25 0.74 -4.35 8.00
CA LYS A 25 0.48 -3.78 9.32
C LYS A 25 -0.94 -3.21 9.39
N THR A 26 -1.32 -2.47 8.36
CA THR A 26 -2.66 -1.88 8.32
C THR A 26 -3.73 -2.96 8.42
N LEU A 27 -3.80 -3.81 7.40
CA LEU A 27 -4.78 -4.89 7.38
C LEU A 27 -4.89 -5.54 8.76
N ALA A 28 -3.75 -5.88 9.34
CA ALA A 28 -3.72 -6.51 10.65
C ALA A 28 -4.76 -5.85 11.58
N ARG A 29 -4.60 -4.56 11.80
CA ARG A 29 -5.53 -3.83 12.65
C ARG A 29 -6.97 -4.03 12.18
N LEU A 30 -7.20 -3.81 10.90
CA LEU A 30 -8.53 -3.98 10.33
C LEU A 30 -9.14 -5.30 10.78
N GLN A 31 -8.28 -6.29 11.04
CA GLN A 31 -8.75 -7.60 11.48
C GLN A 31 -8.99 -7.60 12.99
N ARG A 32 -7.98 -7.14 13.74
CA ARG A 32 -8.09 -7.10 15.19
C ARG A 32 -9.11 -6.05 15.62
N ALA A 33 -9.53 -5.22 14.67
CA ALA A 33 -10.50 -4.16 14.96
C ALA A 33 -11.92 -4.67 14.75
N GLN A 34 -12.11 -5.46 13.70
CA GLN A 34 -13.42 -6.01 13.39
C GLN A 34 -13.84 -7.03 14.45
N ARG A 35 -12.88 -7.84 14.89
CA ARG A 35 -13.16 -8.85 15.91
C ARG A 35 -13.63 -8.20 17.20
N ALA A 36 -13.15 -6.99 17.47
CA ALA A 36 -13.53 -6.27 18.67
C ALA A 36 -12.72 -6.76 19.87
N GLY B 1 -13.82 2.00 25.24
CA GLY B 1 -13.50 0.60 24.83
C GLY B 1 -14.42 0.19 23.69
N LYS B 2 -13.84 -0.07 22.52
CA LYS B 2 -14.61 -0.48 21.36
C LYS B 2 -13.73 -0.52 20.11
N PRO B 3 -14.15 -1.25 19.12
CA PRO B 3 -13.39 -1.39 17.84
C PRO B 3 -13.44 -0.11 17.01
N LEU B 4 -12.62 0.88 17.41
CA LEU B 4 -12.58 2.14 16.69
C LEU B 4 -13.97 2.75 16.58
N SER B 5 -14.07 3.86 15.85
CA SER B 5 -15.35 4.52 15.66
C SER B 5 -15.99 4.11 14.34
N CYS B 6 -17.29 3.85 14.37
CA CYS B 6 -18.00 3.44 13.16
C CYS B 6 -17.51 4.24 11.96
N GLU B 7 -17.41 5.55 12.12
CA GLU B 7 -16.94 6.41 11.04
C GLU B 7 -15.54 6.00 10.59
N GLU B 8 -14.66 5.76 11.56
CA GLU B 8 -13.30 5.36 11.25
C GLU B 8 -13.27 3.95 10.66
N LYS B 9 -13.89 3.01 11.35
CA LYS B 9 -13.93 1.63 10.88
C LYS B 9 -14.36 1.58 9.42
N GLU B 10 -15.20 2.53 9.02
CA GLU B 10 -15.68 2.58 7.64
C GLU B 10 -14.57 3.04 6.70
N LYS B 11 -14.00 4.20 6.99
CA LYS B 11 -12.92 4.74 6.15
C LYS B 11 -11.76 3.77 6.10
N LEU B 12 -11.27 3.36 7.26
CA LEU B 12 -10.15 2.43 7.33
C LEU B 12 -10.41 1.22 6.43
N LYS B 13 -11.56 0.57 6.64
CA LYS B 13 -11.91 -0.60 5.84
C LYS B 13 -11.82 -0.28 4.35
N GLU B 14 -12.66 0.64 3.91
CA GLU B 14 -12.68 1.03 2.50
C GLU B 14 -11.28 1.47 2.05
N LYS B 15 -10.51 2.02 2.99
CA LYS B 15 -9.17 2.49 2.68
C LYS B 15 -8.25 1.30 2.38
N LEU B 16 -8.13 0.39 3.35
CA LEU B 16 -7.29 -0.78 3.17
C LEU B 16 -7.45 -1.36 1.77
N ALA B 17 -8.70 -1.54 1.34
CA ALA B 17 -8.98 -2.09 0.03
C ALA B 17 -8.31 -1.25 -1.05
N PHE B 18 -8.53 0.06 -1.01
CA PHE B 18 -7.93 0.95 -1.99
C PHE B 18 -6.42 0.94 -1.89
N LEU B 19 -5.91 0.73 -0.67
CA LEU B 19 -4.48 0.70 -0.45
C LEU B 19 -3.81 -0.24 -1.45
N LYS B 20 -4.34 -1.45 -1.57
CA LYS B 20 -3.78 -2.43 -2.49
C LYS B 20 -3.94 -1.96 -3.93
N ARG B 21 -5.09 -1.41 -4.25
CA ARG B 21 -5.36 -0.92 -5.60
C ARG B 21 -4.33 0.13 -6.00
N GLU B 22 -4.15 1.12 -5.13
CA GLU B 22 -3.19 2.19 -5.40
C GLU B 22 -1.82 1.61 -5.72
N TYR B 23 -1.34 0.72 -4.86
CA TYR B 23 -0.04 0.10 -5.05
C TYR B 23 -0.01 -0.67 -6.37
N SER B 24 -1.16 -1.23 -6.74
CA SER B 24 -1.26 -1.99 -7.99
C SER B 24 -0.68 -1.19 -9.15
N LYS B 25 -1.15 0.04 -9.29
CA LYS B 25 -0.68 0.91 -10.38
C LYS B 25 0.82 1.12 -10.27
N THR B 26 1.29 1.40 -9.07
CA THR B 26 2.72 1.62 -8.85
C THR B 26 3.52 0.38 -9.23
N LEU B 27 2.97 -0.78 -8.91
CA LEU B 27 3.65 -2.04 -9.23
C LEU B 27 3.69 -2.25 -10.74
N ALA B 28 2.57 -1.99 -11.40
CA ALA B 28 2.50 -2.16 -12.85
C ALA B 28 3.66 -1.43 -13.54
N ARG B 29 4.08 -0.32 -12.94
CA ARG B 29 5.18 0.46 -13.51
C ARG B 29 6.49 -0.30 -13.37
N LEU B 30 6.90 -0.56 -12.14
CA LEU B 30 8.15 -1.28 -11.89
C LEU B 30 8.28 -2.46 -12.83
N GLN B 31 7.15 -3.10 -13.15
CA GLN B 31 7.15 -4.24 -14.05
C GLN B 31 7.47 -3.81 -15.48
N ARG B 32 6.71 -2.83 -15.96
CA ARG B 32 6.91 -2.33 -17.32
C ARG B 32 8.34 -1.86 -17.50
N ALA B 33 8.89 -1.19 -16.48
CA ALA B 33 10.25 -0.69 -16.54
C ALA B 33 11.25 -1.85 -16.51
N GLN B 34 10.83 -2.97 -15.94
CA GLN B 34 11.69 -4.15 -15.86
C GLN B 34 11.50 -5.04 -17.08
N ARG B 35 10.32 -4.93 -17.69
CA ARG B 35 10.02 -5.75 -18.87
C ARG B 35 11.05 -5.51 -19.97
N ALA B 36 11.40 -4.25 -20.18
CA ALA B 36 12.37 -3.90 -21.21
C ALA B 36 13.71 -4.58 -20.93
#